data_5SNC
#
_entry.id   5SNC
#
_cell.length_a   138.182
_cell.length_b   65.627
_cell.length_c   84.454
_cell.angle_alpha   90.000
_cell.angle_beta   93.580
_cell.angle_gamma   90.000
#
_symmetry.space_group_name_H-M   'C 1 2 1'
#
loop_
_entity.id
_entity.type
_entity.pdbx_description
1 polymer '3-oxoacyl-[acyl-carrier-protein] synthase 2'
2 non-polymer [(2R,5S)-2,5-dimethylmorpholin-4-yl](1,2,5-thiadiazol-3-yl)methanone
3 non-polymer 'DIMETHYL SULFOXIDE'
4 non-polymer 'PHOSPHATE ION'
5 water water
#
_entity_poly.entity_id   1
_entity_poly.type   'polypeptide(L)'
_entity_poly.pdbx_seq_one_letter_code
;MSRRRVVITGMGMLSPLGLDVPSSWEGILAGRSGIAPIEHMDLSAYSTRFGGSVKGFNVEEYLSAKEARKLDLFIQYGLA
ASFQAVRDSGLEVTDANRERIGVSMGSGIGGLTNIENNCRSLFEQGPRRISPFFVPGSIINMVSGFLSIHLGLQGPNYAL
TTAQTTGTHSIGMAARNIAYGEADVMVAGGSEMAACGLGLGGFGAARALSTRNDEPTRASRPWDRDRDGFVLSDGSGALV
LEELEHARARGARIYAELVGFGMSGDAFHMTAPPEDGAGAARCMKNALRDAGLDPRQVDYINAHGTSTPAGDIAEIAAVK
SVFGEHAHALSMSSTKSMTGHLLGAAGAVEAIFSVLALRDQVAPPTINLDNPDEGCDLDLVAHEAKPRKIDVALSNSFGF
GGTNGTLVFRRFAD
;
_entity_poly.pdbx_strand_id   A,B
#
loop_
_chem_comp.id
_chem_comp.type
_chem_comp.name
_chem_comp.formula
DMS non-polymer 'DIMETHYL SULFOXIDE' 'C2 H6 O S'
K0D non-polymer [(2R,5S)-2,5-dimethylmorpholin-4-yl](1,2,5-thiadiazol-3-yl)methanone 'C9 H13 N3 O2 S'
PO4 non-polymer 'PHOSPHATE ION' 'O4 P -3'
#
# COMPACT_ATOMS: atom_id res chain seq x y z
N SER A 2 -6.03 25.59 6.33
CA SER A 2 -6.47 24.80 7.53
C SER A 2 -7.38 23.64 7.13
N ARG A 3 -7.59 22.68 8.03
CA ARG A 3 -8.21 21.35 7.76
C ARG A 3 -9.65 21.50 7.24
N ARG A 4 -9.94 20.94 6.07
CA ARG A 4 -11.30 20.99 5.46
C ARG A 4 -12.12 19.77 5.87
N ARG A 5 -13.43 19.90 5.76
CA ARG A 5 -14.40 18.85 6.13
C ARG A 5 -14.58 17.90 4.94
N VAL A 6 -14.80 16.62 5.24
CA VAL A 6 -14.91 15.54 4.23
C VAL A 6 -16.24 14.81 4.38
N VAL A 7 -16.97 14.72 3.26
CA VAL A 7 -18.28 14.03 3.20
C VAL A 7 -18.23 12.88 2.20
N ILE A 8 -19.19 11.97 2.36
CA ILE A 8 -19.37 10.77 1.47
C ILE A 8 -20.50 11.09 0.51
N THR A 9 -20.22 11.05 -0.80
CA THR A 9 -21.20 11.45 -1.83
C THR A 9 -21.51 10.28 -2.77
N GLY A 10 -20.77 9.17 -2.68
CA GLY A 10 -20.95 7.99 -3.54
C GLY A 10 -20.42 6.74 -2.89
N MET A 11 -21.07 5.60 -3.12
CA MET A 11 -20.63 4.31 -2.56
C MET A 11 -20.89 3.22 -3.59
N GLY A 12 -20.03 2.21 -3.57
CA GLY A 12 -20.06 1.09 -4.52
C GLY A 12 -19.56 -0.15 -3.83
N MET A 13 -20.05 -1.31 -4.25
CA MET A 13 -19.76 -2.57 -3.54
C MET A 13 -20.00 -3.76 -4.46
N LEU A 14 -19.12 -4.76 -4.31
CA LEU A 14 -19.40 -6.20 -4.56
C LEU A 14 -19.20 -6.93 -3.23
N SER A 15 -20.15 -7.77 -2.83
CA SER A 15 -19.99 -8.56 -1.59
C SER A 15 -20.57 -9.94 -1.80
N PRO A 16 -20.38 -10.85 -0.82
CA PRO A 16 -21.07 -12.13 -0.84
C PRO A 16 -22.60 -12.02 -0.80
N LEU A 17 -23.13 -10.84 -0.51
CA LEU A 17 -24.58 -10.61 -0.33
C LEU A 17 -25.17 -9.91 -1.54
N GLY A 18 -24.38 -9.33 -2.43
CA GLY A 18 -24.95 -8.63 -3.59
C GLY A 18 -23.93 -8.01 -4.53
N LEU A 19 -24.40 -7.63 -5.72
CA LEU A 19 -23.54 -7.10 -6.81
C LEU A 19 -23.57 -5.57 -6.77
N ASP A 20 -24.10 -4.99 -5.70
CA ASP A 20 -24.12 -3.52 -5.47
C ASP A 20 -24.37 -3.26 -3.98
N VAL A 21 -24.48 -1.99 -3.62
CA VAL A 21 -24.70 -1.54 -2.23
C VAL A 21 -26.13 -1.89 -1.79
N PRO A 22 -27.20 -1.45 -2.51
CA PRO A 22 -28.57 -1.67 -2.01
C PRO A 22 -28.89 -3.15 -1.78
N SER A 23 -28.51 -4.05 -2.71
CA SER A 23 -28.74 -5.52 -2.60
C SER A 23 -27.93 -6.09 -1.42
N SER A 24 -26.67 -5.68 -1.27
CA SER A 24 -25.84 -6.10 -0.12
C SER A 24 -26.51 -5.65 1.20
N TRP A 25 -26.96 -4.38 1.29
CA TRP A 25 -27.57 -3.79 2.50
C TRP A 25 -28.91 -4.48 2.88
N GLU A 26 -29.74 -4.82 1.89
N GLU A 26 -29.74 -4.80 1.88
CA GLU A 26 -31.00 -5.57 2.12
CA GLU A 26 -30.98 -5.59 2.06
C GLU A 26 -30.65 -6.93 2.76
C GLU A 26 -30.61 -6.89 2.79
N GLY A 27 -29.58 -7.59 2.30
CA GLY A 27 -29.10 -8.84 2.93
C GLY A 27 -28.64 -8.62 4.36
N ILE A 28 -27.81 -7.60 4.59
CA ILE A 28 -27.35 -7.20 5.96
C ILE A 28 -28.55 -7.03 6.87
N LEU A 29 -29.54 -6.25 6.46
CA LEU A 29 -30.67 -5.90 7.35
C LEU A 29 -31.57 -7.12 7.57
N ALA A 30 -31.58 -8.10 6.65
CA ALA A 30 -32.45 -9.30 6.77
C ALA A 30 -31.70 -10.42 7.49
N GLY A 31 -30.43 -10.22 7.87
CA GLY A 31 -29.68 -11.24 8.62
C GLY A 31 -29.26 -12.37 7.70
N ARG A 32 -29.22 -12.14 6.41
CA ARG A 32 -28.90 -13.19 5.41
C ARG A 32 -27.39 -13.47 5.43
N SER A 33 -26.97 -14.74 5.36
CA SER A 33 -25.56 -15.18 5.17
C SER A 33 -25.18 -15.24 3.67
N GLY A 34 -23.97 -14.77 3.34
CA GLY A 34 -23.41 -14.88 1.99
C GLY A 34 -22.41 -16.04 1.90
N ILE A 35 -22.34 -16.92 2.89
CA ILE A 35 -21.29 -17.96 3.02
C ILE A 35 -21.85 -19.28 2.47
N ALA A 36 -21.06 -20.00 1.69
CA ALA A 36 -21.48 -21.19 0.94
C ALA A 36 -20.25 -21.98 0.51
N PRO A 37 -20.37 -23.32 0.31
CA PRO A 37 -19.27 -24.11 -0.24
C PRO A 37 -18.79 -23.37 -1.49
N ILE A 38 -17.48 -23.30 -1.67
CA ILE A 38 -16.85 -22.67 -2.85
C ILE A 38 -16.97 -23.62 -4.05
N GLU A 39 -17.40 -23.08 -5.18
CA GLU A 39 -17.68 -23.85 -6.42
C GLU A 39 -16.60 -23.65 -7.48
N HIS A 40 -15.76 -22.61 -7.39
CA HIS A 40 -14.84 -22.22 -8.51
C HIS A 40 -13.59 -23.10 -8.52
N MET A 41 -13.37 -23.95 -7.51
CA MET A 41 -12.23 -24.90 -7.48
C MET A 41 -12.53 -26.08 -6.58
N ASP A 42 -11.76 -27.16 -6.71
CA ASP A 42 -11.90 -28.41 -5.92
C ASP A 42 -11.11 -28.25 -4.61
N LEU A 43 -11.80 -28.19 -3.46
CA LEU A 43 -11.20 -27.96 -2.12
C LEU A 43 -11.23 -29.26 -1.29
N SER A 44 -11.37 -30.43 -1.92
CA SER A 44 -11.47 -31.71 -1.16
C SER A 44 -10.21 -31.92 -0.31
N ALA A 45 -9.03 -31.46 -0.73
CA ALA A 45 -7.77 -31.69 0.03
C ALA A 45 -7.60 -30.61 1.13
N TYR A 46 -8.47 -29.60 1.17
CA TYR A 46 -8.36 -28.45 2.10
C TYR A 46 -9.21 -28.69 3.36
N SER A 47 -8.77 -28.14 4.50
CA SER A 47 -9.53 -28.20 5.79
C SER A 47 -10.70 -27.20 5.83
N THR A 48 -10.76 -26.22 4.91
CA THR A 48 -11.92 -25.30 4.75
C THR A 48 -12.31 -25.29 3.28
N ARG A 49 -13.58 -25.50 2.97
CA ARG A 49 -14.08 -25.68 1.58
C ARG A 49 -15.19 -24.68 1.28
N PHE A 50 -15.37 -23.68 2.14
CA PHE A 50 -16.44 -22.67 2.00
C PHE A 50 -15.84 -21.27 2.20
N GLY A 51 -16.61 -20.25 1.83
CA GLY A 51 -16.24 -18.83 1.97
C GLY A 51 -17.35 -17.93 1.46
N GLY A 52 -17.14 -16.61 1.47
CA GLY A 52 -18.05 -15.63 0.86
C GLY A 52 -17.60 -15.26 -0.53
N SER A 53 -18.16 -15.93 -1.53
CA SER A 53 -17.83 -15.66 -2.96
C SER A 53 -18.75 -14.56 -3.45
N VAL A 54 -18.33 -13.78 -4.42
CA VAL A 54 -19.22 -12.86 -5.14
C VAL A 54 -19.98 -13.77 -6.12
N LYS A 55 -21.31 -13.77 -6.10
CA LYS A 55 -22.13 -14.67 -6.94
C LYS A 55 -22.62 -13.91 -8.18
N GLY A 56 -22.32 -14.44 -9.37
CA GLY A 56 -22.82 -13.98 -10.67
C GLY A 56 -22.27 -12.62 -11.07
N PHE A 57 -21.05 -12.29 -10.65
CA PHE A 57 -20.40 -11.02 -11.05
C PHE A 57 -20.35 -10.97 -12.58
N ASN A 58 -20.85 -9.91 -13.17
CA ASN A 58 -20.72 -9.71 -14.64
C ASN A 58 -19.78 -8.52 -14.92
N VAL A 59 -18.52 -8.81 -15.21
CA VAL A 59 -17.52 -7.74 -15.48
C VAL A 59 -17.92 -6.97 -16.74
N GLU A 60 -18.73 -7.56 -17.63
CA GLU A 60 -19.18 -6.89 -18.89
C GLU A 60 -20.30 -5.88 -18.61
N GLU A 61 -20.66 -5.65 -17.33
CA GLU A 61 -21.40 -4.43 -16.92
C GLU A 61 -20.47 -3.21 -16.81
N TYR A 62 -19.15 -3.40 -16.82
CA TYR A 62 -18.14 -2.36 -16.49
C TYR A 62 -17.05 -2.26 -17.55
N LEU A 63 -16.57 -3.41 -18.06
CA LEU A 63 -15.33 -3.48 -18.88
C LEU A 63 -15.56 -4.43 -20.04
N SER A 64 -14.94 -4.14 -21.18
CA SER A 64 -14.84 -5.08 -22.32
C SER A 64 -14.23 -6.42 -21.87
N ALA A 65 -14.70 -7.55 -22.43
CA ALA A 65 -14.18 -8.89 -22.10
C ALA A 65 -12.69 -8.90 -22.44
N LYS A 66 -12.30 -8.17 -23.49
CA LYS A 66 -10.89 -8.11 -23.94
C LYS A 66 -10.00 -7.56 -22.81
N GLU A 67 -10.46 -6.52 -22.11
CA GLU A 67 -9.71 -5.92 -20.99
C GLU A 67 -9.78 -6.82 -19.75
N ALA A 68 -10.98 -7.32 -19.41
CA ALA A 68 -11.19 -8.12 -18.19
C ALA A 68 -10.26 -9.34 -18.16
N ARG A 69 -10.01 -9.95 -19.33
N ARG A 69 -9.98 -9.93 -19.32
CA ARG A 69 -9.13 -11.14 -19.48
CA ARG A 69 -9.15 -11.15 -19.44
C ARG A 69 -7.74 -10.84 -18.89
C ARG A 69 -7.72 -10.86 -18.96
N LYS A 70 -7.29 -9.59 -18.94
CA LYS A 70 -5.91 -9.21 -18.52
C LYS A 70 -5.81 -9.01 -16.99
N LEU A 71 -6.92 -8.95 -16.25
CA LEU A 71 -6.95 -8.39 -14.87
C LEU A 71 -7.34 -9.48 -13.89
N ASP A 72 -6.58 -9.61 -12.81
CA ASP A 72 -7.00 -10.45 -11.67
C ASP A 72 -8.41 -10.05 -11.21
N LEU A 73 -9.18 -11.00 -10.71
CA LEU A 73 -10.50 -10.72 -10.11
C LEU A 73 -10.42 -9.57 -9.09
N PHE A 74 -9.37 -9.42 -8.29
CA PHE A 74 -9.39 -8.35 -7.24
C PHE A 74 -9.41 -6.98 -7.94
N ILE A 75 -8.75 -6.85 -9.09
CA ILE A 75 -8.81 -5.59 -9.88
C ILE A 75 -10.21 -5.46 -10.48
N GLN A 76 -10.76 -6.50 -11.08
CA GLN A 76 -12.13 -6.40 -11.65
C GLN A 76 -13.06 -5.93 -10.52
N TYR A 77 -12.97 -6.51 -9.34
CA TYR A 77 -13.94 -6.21 -8.25
C TYR A 77 -13.74 -4.74 -7.83
N GLY A 78 -12.49 -4.30 -7.71
CA GLY A 78 -12.14 -2.92 -7.30
C GLY A 78 -12.68 -1.88 -8.28
N LEU A 79 -12.48 -2.13 -9.58
CA LEU A 79 -12.98 -1.26 -10.66
C LEU A 79 -14.51 -1.21 -10.60
N ALA A 80 -15.20 -2.33 -10.47
CA ALA A 80 -16.68 -2.38 -10.40
C ALA A 80 -17.18 -1.53 -9.24
N ALA A 81 -16.65 -1.73 -8.04
CA ALA A 81 -17.06 -0.94 -6.86
C ALA A 81 -16.77 0.56 -7.10
N SER A 82 -15.63 0.90 -7.67
CA SER A 82 -15.20 2.30 -7.95
C SER A 82 -16.16 2.93 -8.97
N PHE A 83 -16.46 2.22 -10.06
CA PHE A 83 -17.38 2.72 -11.10
C PHE A 83 -18.73 3.01 -10.46
N GLN A 84 -19.23 2.08 -9.64
CA GLN A 84 -20.52 2.25 -8.94
C GLN A 84 -20.45 3.52 -8.12
N ALA A 85 -19.40 3.71 -7.34
CA ALA A 85 -19.28 4.82 -6.37
C ALA A 85 -19.28 6.14 -7.15
N VAL A 86 -18.55 6.19 -8.25
CA VAL A 86 -18.42 7.45 -9.05
C VAL A 86 -19.77 7.81 -9.66
N ARG A 87 -20.46 6.83 -10.26
N ARG A 87 -20.48 6.85 -10.27
CA ARG A 87 -21.81 7.03 -10.85
CA ARG A 87 -21.83 7.10 -10.86
C ARG A 87 -22.76 7.53 -9.75
C ARG A 87 -22.78 7.54 -9.74
N ASP A 88 -22.74 6.86 -8.59
CA ASP A 88 -23.60 7.19 -7.42
C ASP A 88 -23.34 8.61 -6.92
N SER A 89 -22.11 9.12 -7.06
CA SER A 89 -21.74 10.49 -6.61
C SER A 89 -22.40 11.58 -7.47
N GLY A 90 -22.71 11.28 -8.74
CA GLY A 90 -23.12 12.24 -9.79
C GLY A 90 -21.98 13.15 -10.27
N LEU A 91 -20.74 12.88 -9.86
CA LEU A 91 -19.62 13.79 -10.19
C LEU A 91 -19.30 13.64 -11.68
N GLU A 92 -19.10 14.76 -12.37
CA GLU A 92 -18.58 14.79 -13.77
C GLU A 92 -17.11 15.20 -13.71
N VAL A 93 -16.24 14.36 -14.26
CA VAL A 93 -14.79 14.63 -14.41
C VAL A 93 -14.61 15.56 -15.60
N THR A 94 -13.93 16.70 -15.40
CA THR A 94 -13.65 17.70 -16.46
C THR A 94 -12.18 18.10 -16.44
N ASP A 95 -11.76 18.84 -17.47
CA ASP A 95 -10.42 19.46 -17.48
C ASP A 95 -10.27 20.37 -16.25
N ALA A 96 -11.35 20.98 -15.76
CA ALA A 96 -11.31 21.95 -14.63
C ALA A 96 -11.02 21.23 -13.31
N ASN A 97 -11.35 19.94 -13.15
CA ASN A 97 -11.25 19.25 -11.83
C ASN A 97 -10.49 17.91 -11.90
N ARG A 98 -10.02 17.44 -13.05
CA ARG A 98 -9.43 16.08 -13.12
C ARG A 98 -8.11 16.02 -12.33
N GLU A 99 -7.44 17.15 -12.10
CA GLU A 99 -6.16 17.18 -11.34
C GLU A 99 -6.44 17.10 -9.83
N ARG A 100 -7.69 17.36 -9.43
CA ARG A 100 -8.11 17.47 -8.03
C ARG A 100 -8.83 16.18 -7.59
N ILE A 101 -8.90 15.16 -8.45
CA ILE A 101 -9.62 13.90 -8.14
C ILE A 101 -8.60 12.75 -8.22
N GLY A 102 -8.46 12.02 -7.14
CA GLY A 102 -7.47 10.95 -7.04
C GLY A 102 -8.12 9.65 -6.62
N VAL A 103 -7.31 8.65 -6.35
CA VAL A 103 -7.85 7.30 -6.03
C VAL A 103 -6.87 6.59 -5.10
N SER A 104 -7.41 5.94 -4.09
CA SER A 104 -6.67 5.10 -3.13
C SER A 104 -7.53 3.86 -2.86
N MET A 105 -7.41 2.88 -3.73
CA MET A 105 -8.04 1.54 -3.60
C MET A 105 -6.92 0.53 -3.31
N GLY A 106 -7.07 -0.15 -2.17
CA GLY A 106 -6.04 -1.02 -1.62
C GLY A 106 -6.44 -2.47 -1.70
N SER A 107 -5.51 -3.33 -1.33
CA SER A 107 -5.74 -4.77 -1.21
C SER A 107 -4.78 -5.34 -0.19
N GLY A 108 -5.18 -6.42 0.48
CA GLY A 108 -4.30 -7.13 1.44
C GLY A 108 -3.25 -7.90 0.69
N ILE A 109 -3.67 -8.62 -0.33
CA ILE A 109 -2.88 -9.71 -0.99
C ILE A 109 -2.80 -9.47 -2.49
N GLY A 110 -3.81 -8.84 -3.08
CA GLY A 110 -3.82 -8.53 -4.52
C GLY A 110 -4.01 -9.79 -5.35
N GLY A 111 -3.33 -9.90 -6.49
CA GLY A 111 -3.73 -10.86 -7.52
C GLY A 111 -3.11 -12.23 -7.28
N LEU A 112 -3.43 -12.86 -6.15
CA LEU A 112 -2.85 -14.16 -5.78
C LEU A 112 -3.28 -15.24 -6.79
N THR A 113 -4.52 -15.20 -7.29
CA THR A 113 -5.05 -16.19 -8.26
C THR A 113 -4.19 -16.13 -9.51
N ASN A 114 -4.04 -14.91 -10.03
CA ASN A 114 -3.20 -14.66 -11.24
C ASN A 114 -1.76 -15.13 -10.97
N ILE A 115 -1.19 -14.84 -9.81
CA ILE A 115 0.23 -15.17 -9.56
C ILE A 115 0.35 -16.70 -9.47
N GLU A 116 -0.58 -17.36 -8.79
CA GLU A 116 -0.63 -18.83 -8.66
C GLU A 116 -0.68 -19.48 -10.06
N ASN A 117 -1.63 -19.03 -10.90
CA ASN A 117 -1.87 -19.55 -12.27
C ASN A 117 -0.60 -19.37 -13.12
N ASN A 118 0.09 -18.25 -12.99
CA ASN A 118 1.33 -17.99 -13.77
C ASN A 118 2.49 -18.75 -13.17
N CYS A 119 2.48 -19.03 -11.85
CA CYS A 119 3.50 -19.92 -11.23
C CYS A 119 3.34 -21.36 -11.75
N ARG A 120 2.09 -21.80 -11.92
CA ARG A 120 1.76 -23.14 -12.48
C ARG A 120 2.36 -23.23 -13.90
N SER A 121 2.13 -22.22 -14.75
CA SER A 121 2.72 -22.11 -16.11
C SER A 121 4.24 -22.19 -16.05
N LEU A 122 4.87 -21.39 -15.19
CA LEU A 122 6.34 -21.37 -15.01
C LEU A 122 6.85 -22.76 -14.65
N PHE A 123 6.20 -23.47 -13.74
CA PHE A 123 6.73 -24.75 -13.18
C PHE A 123 6.44 -25.92 -14.12
N GLU A 124 5.29 -25.93 -14.79
CA GLU A 124 4.81 -27.07 -15.58
C GLU A 124 5.34 -26.94 -17.02
N GLN A 125 5.62 -25.72 -17.47
CA GLN A 125 6.01 -25.46 -18.89
C GLN A 125 7.35 -24.69 -18.91
N GLY A 126 7.33 -23.46 -18.43
CA GLY A 126 8.50 -22.58 -18.52
C GLY A 126 8.09 -21.11 -18.53
N PRO A 127 9.09 -20.22 -18.42
CA PRO A 127 8.88 -18.78 -18.41
C PRO A 127 8.21 -18.27 -19.67
N ARG A 128 8.38 -18.97 -20.81
CA ARG A 128 7.81 -18.53 -22.10
C ARG A 128 6.28 -18.51 -22.03
N ARG A 129 5.67 -19.20 -21.06
CA ARG A 129 4.19 -19.31 -20.96
C ARG A 129 3.63 -18.34 -19.91
N ILE A 130 4.47 -17.53 -19.27
CA ILE A 130 3.94 -16.48 -18.33
C ILE A 130 3.24 -15.41 -19.18
N SER A 131 2.08 -14.97 -18.75
CA SER A 131 1.30 -13.90 -19.44
C SER A 131 2.11 -12.61 -19.47
N PRO A 132 2.16 -11.96 -20.65
CA PRO A 132 2.66 -10.58 -20.77
C PRO A 132 2.01 -9.57 -19.81
N PHE A 133 0.75 -9.82 -19.41
CA PHE A 133 -0.04 -8.94 -18.51
C PHE A 133 0.14 -9.36 -17.05
N PHE A 134 1.06 -10.29 -16.75
CA PHE A 134 1.28 -10.83 -15.37
C PHE A 134 1.45 -9.70 -14.33
N VAL A 135 2.35 -8.75 -14.54
CA VAL A 135 2.60 -7.67 -13.53
C VAL A 135 1.44 -6.66 -13.48
N PRO A 136 1.07 -5.96 -14.58
CA PRO A 136 0.01 -4.95 -14.47
C PRO A 136 -1.35 -5.58 -14.18
N GLY A 137 -1.51 -6.88 -14.41
CA GLY A 137 -2.78 -7.57 -14.09
C GLY A 137 -2.84 -8.10 -12.67
N SER A 138 -1.79 -7.98 -11.87
CA SER A 138 -1.69 -8.71 -10.57
C SER A 138 -1.35 -7.77 -9.42
N ILE A 139 -0.56 -6.72 -9.65
CA ILE A 139 0.02 -5.91 -8.53
C ILE A 139 -1.02 -4.91 -8.00
N ILE A 140 -0.92 -4.58 -6.71
CA ILE A 140 -2.07 -4.06 -5.91
C ILE A 140 -2.43 -2.64 -6.37
N ASN A 141 -1.47 -1.86 -6.85
CA ASN A 141 -1.69 -0.42 -7.19
C ASN A 141 -2.55 -0.25 -8.44
N MET A 142 -2.89 -1.34 -9.16
CA MET A 142 -3.49 -1.21 -10.51
C MET A 142 -5.02 -1.06 -10.47
N VAL A 143 -5.67 -1.17 -9.32
CA VAL A 143 -7.07 -0.66 -9.22
C VAL A 143 -7.01 0.86 -9.40
N SER A 144 -6.21 1.51 -8.55
CA SER A 144 -5.96 2.96 -8.64
C SER A 144 -5.52 3.32 -10.06
N GLY A 145 -4.58 2.58 -10.62
CA GLY A 145 -4.06 2.83 -11.98
C GLY A 145 -5.14 2.78 -13.06
N PHE A 146 -5.84 1.64 -13.18
CA PHE A 146 -6.85 1.39 -14.24
C PHE A 146 -8.02 2.35 -14.03
N LEU A 147 -8.40 2.64 -12.79
CA LEU A 147 -9.54 3.54 -12.54
C LEU A 147 -9.16 4.91 -13.09
N SER A 148 -7.95 5.39 -12.78
N SER A 148 -7.96 5.40 -12.77
CA SER A 148 -7.44 6.71 -13.24
CA SER A 148 -7.42 6.70 -13.24
C SER A 148 -7.43 6.76 -14.77
C SER A 148 -7.44 6.76 -14.77
N ILE A 149 -7.01 5.68 -15.42
CA ILE A 149 -6.93 5.60 -16.90
C ILE A 149 -8.34 5.66 -17.50
N HIS A 150 -9.31 4.92 -16.96
CA HIS A 150 -10.70 4.85 -17.48
C HIS A 150 -11.47 6.17 -17.25
N LEU A 151 -11.28 6.85 -16.10
CA LEU A 151 -12.09 8.06 -15.77
C LEU A 151 -11.30 9.36 -15.99
N GLY A 152 -9.99 9.29 -16.22
CA GLY A 152 -9.11 10.47 -16.42
C GLY A 152 -8.83 11.22 -15.14
N LEU A 153 -8.64 10.48 -14.02
CA LEU A 153 -8.32 11.04 -12.69
C LEU A 153 -6.81 11.28 -12.60
N GLN A 154 -6.41 12.53 -12.41
CA GLN A 154 -5.00 12.95 -12.42
C GLN A 154 -4.53 13.35 -11.03
N GLY A 155 -5.40 13.24 -10.03
CA GLY A 155 -5.05 13.56 -8.63
C GLY A 155 -4.16 12.48 -8.00
N PRO A 156 -3.89 12.57 -6.68
CA PRO A 156 -3.08 11.57 -5.99
C PRO A 156 -3.57 10.16 -6.33
N ASN A 157 -2.63 9.31 -6.71
CA ASN A 157 -2.89 7.95 -7.20
C ASN A 157 -2.02 7.00 -6.39
N TYR A 158 -2.61 6.22 -5.49
CA TYR A 158 -1.79 5.30 -4.68
C TYR A 158 -2.63 4.15 -4.17
N ALA A 159 -1.98 3.27 -3.42
CA ALA A 159 -2.65 2.08 -2.87
C ALA A 159 -1.98 1.73 -1.54
N LEU A 160 -2.80 1.46 -0.54
CA LEU A 160 -2.32 0.91 0.76
C LEU A 160 -2.40 -0.61 0.70
N THR A 161 -1.55 -1.26 1.48
CA THR A 161 -1.67 -2.70 1.73
C THR A 161 -1.31 -2.93 3.20
N THR A 162 -2.33 -2.97 4.07
CA THR A 162 -2.15 -3.15 5.52
C THR A 162 -3.00 -4.32 5.95
N ALA A 163 -2.94 -5.37 5.14
CA ALA A 163 -3.62 -6.63 5.47
C ALA A 163 -5.10 -6.34 5.76
N GLN A 164 -5.64 -6.81 6.87
CA GLN A 164 -7.10 -6.74 7.16
C GLN A 164 -7.53 -5.32 7.54
N THR A 165 -6.59 -4.36 7.61
CA THR A 165 -6.89 -2.94 7.94
C THR A 165 -6.93 -2.07 6.68
N THR A 166 -6.60 -2.66 5.54
CA THR A 166 -6.40 -1.92 4.26
C THR A 166 -7.56 -0.97 3.96
N GLY A 167 -8.82 -1.42 3.99
CA GLY A 167 -9.95 -0.59 3.51
C GLY A 167 -10.16 0.63 4.40
N THR A 168 -9.94 0.45 5.68
CA THR A 168 -10.12 1.54 6.68
C THR A 168 -9.01 2.56 6.50
N HIS A 169 -7.76 2.11 6.47
CA HIS A 169 -6.59 3.01 6.21
C HIS A 169 -6.77 3.74 4.88
N SER A 170 -7.20 3.05 3.81
CA SER A 170 -7.33 3.68 2.48
C SER A 170 -8.31 4.85 2.56
N ILE A 171 -9.45 4.63 3.21
CA ILE A 171 -10.51 5.65 3.34
C ILE A 171 -10.01 6.78 4.23
N GLY A 172 -9.43 6.48 5.41
CA GLY A 172 -8.93 7.52 6.34
C GLY A 172 -7.88 8.43 5.73
N MET A 173 -6.88 7.85 5.06
N MET A 173 -6.88 7.86 5.05
CA MET A 173 -5.74 8.59 4.45
CA MET A 173 -5.76 8.64 4.47
C MET A 173 -6.22 9.38 3.23
C MET A 173 -6.22 9.39 3.21
N ALA A 174 -7.17 8.84 2.45
CA ALA A 174 -7.83 9.57 1.35
C ALA A 174 -8.54 10.82 1.92
N ALA A 175 -9.23 10.68 3.07
CA ALA A 175 -9.90 11.81 3.76
C ALA A 175 -8.88 12.88 4.18
N ARG A 176 -7.75 12.47 4.75
CA ARG A 176 -6.61 13.38 5.08
C ARG A 176 -6.12 14.12 3.84
N ASN A 177 -5.94 13.42 2.71
CA ASN A 177 -5.58 14.09 1.43
C ASN A 177 -6.50 15.29 1.20
N ILE A 178 -7.80 15.07 1.32
CA ILE A 178 -8.82 16.12 1.03
C ILE A 178 -8.77 17.16 2.16
N ALA A 179 -8.73 16.70 3.39
CA ALA A 179 -8.67 17.57 4.59
C ALA A 179 -7.55 18.60 4.44
N TYR A 180 -6.37 18.17 3.98
CA TYR A 180 -5.14 19.01 3.91
C TYR A 180 -5.00 19.74 2.57
N GLY A 181 -5.91 19.59 1.62
CA GLY A 181 -5.84 20.34 0.33
C GLY A 181 -5.08 19.64 -0.78
N GLU A 182 -4.68 18.36 -0.65
CA GLU A 182 -3.93 17.62 -1.71
C GLU A 182 -4.92 17.19 -2.82
N ALA A 183 -6.23 17.15 -2.54
CA ALA A 183 -7.29 16.73 -3.47
C ALA A 183 -8.62 17.29 -2.96
N ASP A 184 -9.61 17.38 -3.81
CA ASP A 184 -10.98 17.80 -3.47
C ASP A 184 -11.88 16.57 -3.45
N VAL A 185 -11.53 15.55 -4.24
CA VAL A 185 -12.28 14.25 -4.36
C VAL A 185 -11.29 13.10 -4.36
N MET A 186 -11.63 12.04 -3.65
CA MET A 186 -10.87 10.78 -3.69
C MET A 186 -11.87 9.63 -3.80
N VAL A 187 -11.54 8.66 -4.67
CA VAL A 187 -12.22 7.35 -4.67
C VAL A 187 -11.39 6.43 -3.78
N ALA A 188 -11.95 5.91 -2.69
CA ALA A 188 -11.12 5.17 -1.71
C ALA A 188 -11.88 3.95 -1.18
N GLY A 189 -11.11 2.92 -0.88
CA GLY A 189 -11.59 1.62 -0.36
C GLY A 189 -10.61 0.51 -0.63
N GLY A 190 -11.13 -0.66 -0.93
CA GLY A 190 -10.29 -1.85 -1.10
C GLY A 190 -11.05 -2.95 -1.80
N SER A 191 -10.27 -3.94 -2.25
CA SER A 191 -10.81 -5.12 -2.95
C SER A 191 -9.91 -6.32 -2.65
N GLU A 192 -10.52 -7.48 -2.71
CA GLU A 192 -9.81 -8.70 -2.33
C GLU A 192 -10.45 -9.87 -3.04
N MET A 193 -9.62 -10.79 -3.55
N MET A 193 -9.61 -10.77 -3.56
CA MET A 193 -10.04 -12.14 -4.00
CA MET A 193 -9.99 -12.12 -4.04
C MET A 193 -8.89 -13.10 -3.73
C MET A 193 -8.84 -13.08 -3.72
N ALA A 194 -8.83 -13.63 -2.50
CA ALA A 194 -7.72 -14.47 -2.02
C ALA A 194 -8.16 -15.94 -2.02
N ALA A 195 -9.35 -16.26 -2.57
CA ALA A 195 -9.91 -17.63 -2.60
C ALA A 195 -9.33 -18.39 -3.78
N CYS A 196 -8.04 -18.67 -3.68
CA CYS A 196 -7.29 -19.65 -4.53
C CYS A 196 -6.60 -20.66 -3.60
N GLY A 197 -5.94 -21.66 -4.17
CA GLY A 197 -5.17 -22.66 -3.40
C GLY A 197 -4.24 -22.00 -2.40
N LEU A 198 -3.48 -20.99 -2.78
CA LEU A 198 -2.48 -20.42 -1.84
C LEU A 198 -3.21 -19.71 -0.71
N GLY A 199 -4.30 -19.01 -1.00
CA GLY A 199 -5.02 -18.24 0.03
C GLY A 199 -5.68 -19.17 1.06
N LEU A 200 -6.50 -20.09 0.58
CA LEU A 200 -7.21 -21.04 1.47
C LEU A 200 -6.19 -21.95 2.13
N GLY A 201 -5.18 -22.43 1.36
CA GLY A 201 -4.09 -23.28 1.89
C GLY A 201 -3.28 -22.52 2.93
N GLY A 202 -2.94 -21.27 2.63
CA GLY A 202 -2.06 -20.46 3.52
C GLY A 202 -2.77 -20.14 4.83
N PHE A 203 -3.97 -19.57 4.75
CA PHE A 203 -4.72 -19.30 6.01
C PHE A 203 -5.02 -20.63 6.74
N GLY A 204 -5.28 -21.68 5.96
CA GLY A 204 -5.50 -23.03 6.49
C GLY A 204 -4.30 -23.53 7.28
N ALA A 205 -3.09 -23.36 6.75
CA ALA A 205 -1.82 -23.81 7.36
C ALA A 205 -1.62 -23.12 8.71
N ALA A 206 -2.11 -21.89 8.84
CA ALA A 206 -2.07 -21.11 10.10
C ALA A 206 -3.21 -21.51 11.04
N ARG A 207 -4.13 -22.37 10.60
CA ARG A 207 -5.30 -22.81 11.40
C ARG A 207 -6.12 -21.57 11.83
N ALA A 208 -6.15 -20.53 10.99
CA ALA A 208 -6.85 -19.25 11.27
C ALA A 208 -8.33 -19.33 10.85
N LEU A 209 -8.69 -20.27 9.97
CA LEU A 209 -10.05 -20.38 9.34
C LEU A 209 -10.96 -21.29 10.16
N SER A 210 -12.25 -20.95 10.23
CA SER A 210 -13.32 -21.89 10.65
C SER A 210 -13.27 -23.11 9.72
N THR A 211 -13.40 -24.31 10.28
CA THR A 211 -13.47 -25.58 9.51
C THR A 211 -14.88 -26.17 9.60
N ARG A 212 -15.91 -25.33 9.83
CA ARG A 212 -17.33 -25.76 9.94
C ARG A 212 -17.90 -26.06 8.55
N ASN A 213 -17.30 -26.98 7.81
CA ASN A 213 -17.64 -27.23 6.39
C ASN A 213 -19.09 -27.70 6.25
N ASP A 214 -19.65 -28.33 7.28
CA ASP A 214 -20.99 -28.97 7.17
C ASP A 214 -22.10 -27.99 7.51
N GLU A 215 -21.76 -26.77 7.94
CA GLU A 215 -22.77 -25.71 8.18
C GLU A 215 -22.13 -24.36 7.92
N PRO A 216 -21.77 -24.05 6.64
CA PRO A 216 -21.03 -22.82 6.32
C PRO A 216 -21.70 -21.53 6.80
N THR A 217 -23.03 -21.45 6.79
CA THR A 217 -23.72 -20.18 7.13
C THR A 217 -23.59 -19.93 8.64
N ARG A 218 -23.28 -20.95 9.44
CA ARG A 218 -23.17 -20.79 10.92
C ARG A 218 -21.70 -20.67 11.33
N ALA A 219 -20.76 -20.73 10.39
CA ALA A 219 -19.30 -20.74 10.65
C ALA A 219 -18.86 -19.40 11.27
N SER A 220 -19.29 -18.28 10.70
CA SER A 220 -18.90 -16.93 11.14
C SER A 220 -19.83 -16.51 12.29
N ARG A 221 -19.31 -16.53 13.52
CA ARG A 221 -20.13 -16.38 14.75
C ARG A 221 -19.35 -15.53 15.74
N PRO A 222 -19.10 -14.23 15.41
CA PRO A 222 -18.32 -13.37 16.28
C PRO A 222 -18.90 -13.30 17.70
N TRP A 223 -18.02 -13.47 18.71
CA TRP A 223 -18.29 -13.42 20.18
C TRP A 223 -19.09 -14.65 20.66
N ASP A 224 -19.45 -15.57 19.76
CA ASP A 224 -20.15 -16.82 20.15
C ASP A 224 -19.10 -17.76 20.78
N ARG A 225 -19.47 -18.48 21.85
CA ARG A 225 -18.52 -19.35 22.56
C ARG A 225 -18.03 -20.48 21.64
N ASP A 226 -18.72 -20.81 20.55
CA ASP A 226 -18.34 -21.96 19.66
C ASP A 226 -17.65 -21.47 18.38
N ARG A 227 -17.15 -20.23 18.33
CA ARG A 227 -16.38 -19.74 17.14
C ARG A 227 -15.05 -20.50 17.04
N ASP A 228 -14.55 -20.66 15.82
CA ASP A 228 -13.35 -21.50 15.52
C ASP A 228 -12.56 -20.88 14.36
N GLY A 229 -12.66 -19.57 14.16
CA GLY A 229 -11.84 -18.83 13.16
C GLY A 229 -12.68 -18.06 12.15
N PHE A 230 -11.99 -17.31 11.31
CA PHE A 230 -12.67 -16.40 10.36
C PHE A 230 -13.05 -17.20 9.12
N VAL A 231 -13.94 -16.59 8.37
CA VAL A 231 -14.49 -17.13 7.10
C VAL A 231 -13.96 -16.20 6.02
N LEU A 232 -13.33 -16.79 5.01
CA LEU A 232 -12.63 -16.02 3.96
C LEU A 232 -13.67 -15.60 2.92
N SER A 233 -13.66 -14.33 2.55
CA SER A 233 -14.68 -13.74 1.65
C SER A 233 -14.00 -12.77 0.67
N ASP A 234 -14.72 -12.51 -0.41
CA ASP A 234 -14.22 -11.77 -1.60
C ASP A 234 -15.10 -10.56 -1.84
N GLY A 235 -14.55 -9.55 -2.50
CA GLY A 235 -15.37 -8.41 -2.92
C GLY A 235 -14.62 -7.12 -2.86
N SER A 236 -15.36 -6.03 -2.77
N SER A 236 -15.36 -6.02 -2.83
CA SER A 236 -14.85 -4.64 -2.90
CA SER A 236 -14.81 -4.64 -2.87
C SER A 236 -15.85 -3.65 -2.31
C SER A 236 -15.84 -3.65 -2.33
N GLY A 237 -15.34 -2.59 -1.69
CA GLY A 237 -16.09 -1.38 -1.34
C GLY A 237 -15.29 -0.18 -1.84
N ALA A 238 -15.98 0.80 -2.38
CA ALA A 238 -15.41 2.09 -2.79
C ALA A 238 -16.35 3.20 -2.30
N LEU A 239 -15.78 4.30 -1.81
CA LEU A 239 -16.54 5.52 -1.47
C LEU A 239 -15.92 6.68 -2.23
N VAL A 240 -16.77 7.61 -2.66
CA VAL A 240 -16.33 8.94 -3.15
C VAL A 240 -16.32 9.87 -1.94
N LEU A 241 -15.13 10.26 -1.53
CA LEU A 241 -14.90 11.24 -0.46
C LEU A 241 -14.75 12.59 -1.15
N GLU A 242 -15.30 13.64 -0.56
CA GLU A 242 -15.36 14.95 -1.23
C GLU A 242 -15.27 16.05 -0.19
N GLU A 243 -14.49 17.08 -0.46
CA GLU A 243 -14.46 18.26 0.41
C GLU A 243 -15.90 18.81 0.53
N LEU A 244 -16.31 19.22 1.72
CA LEU A 244 -17.69 19.65 2.01
C LEU A 244 -18.15 20.75 1.05
N GLU A 245 -17.40 21.85 0.91
CA GLU A 245 -17.87 23.06 0.14
C GLU A 245 -17.94 22.67 -1.33
N HIS A 246 -16.98 21.84 -1.80
CA HIS A 246 -16.98 21.29 -3.18
C HIS A 246 -18.29 20.52 -3.40
N ALA A 247 -18.72 19.70 -2.43
CA ALA A 247 -19.97 18.92 -2.52
C ALA A 247 -21.17 19.88 -2.50
N ARG A 248 -21.12 20.90 -1.65
CA ARG A 248 -22.26 21.84 -1.48
C ARG A 248 -22.44 22.64 -2.77
N ALA A 249 -21.32 23.04 -3.37
CA ALA A 249 -21.23 23.91 -4.57
C ALA A 249 -21.87 23.20 -5.77
N ARG A 250 -21.77 21.87 -5.86
CA ARG A 250 -22.35 21.14 -7.01
C ARG A 250 -23.71 20.51 -6.65
N GLY A 251 -24.24 20.76 -5.44
CA GLY A 251 -25.56 20.22 -5.02
C GLY A 251 -25.52 18.72 -4.80
N ALA A 252 -24.38 18.16 -4.38
CA ALA A 252 -24.25 16.70 -4.23
C ALA A 252 -25.18 16.21 -3.13
N ARG A 253 -25.68 14.98 -3.28
CA ARG A 253 -26.31 14.26 -2.15
C ARG A 253 -25.17 13.82 -1.22
N ILE A 254 -25.24 14.21 0.04
CA ILE A 254 -24.27 13.83 1.09
C ILE A 254 -24.87 12.73 1.95
N TYR A 255 -24.25 11.56 1.98
CA TYR A 255 -24.69 10.42 2.83
C TYR A 255 -24.39 10.69 4.31
N ALA A 256 -23.19 11.16 4.62
CA ALA A 256 -22.68 11.35 5.99
C ALA A 256 -21.35 12.09 5.90
N GLU A 257 -20.86 12.51 7.05
CA GLU A 257 -19.57 13.22 7.15
C GLU A 257 -18.57 12.25 7.79
N LEU A 258 -17.35 12.22 7.25
N LEU A 258 -17.34 12.26 7.29
CA LEU A 258 -16.20 11.50 7.88
CA LEU A 258 -16.19 11.51 7.86
C LEU A 258 -15.49 12.49 8.80
C LEU A 258 -15.45 12.46 8.81
N VAL A 259 -15.67 12.33 10.13
CA VAL A 259 -15.18 13.32 11.15
C VAL A 259 -13.90 12.87 11.87
N GLY A 260 -13.56 11.59 11.84
CA GLY A 260 -12.48 11.06 12.66
C GLY A 260 -11.79 9.88 11.99
N PHE A 261 -10.47 9.85 12.14
CA PHE A 261 -9.63 8.74 11.69
C PHE A 261 -8.51 8.54 12.69
N GLY A 262 -8.38 7.28 13.11
CA GLY A 262 -7.34 6.87 14.03
C GLY A 262 -6.53 5.73 13.44
N MET A 263 -5.26 5.70 13.79
CA MET A 263 -4.39 4.56 13.54
C MET A 263 -3.56 4.37 14.79
N SER A 264 -3.08 3.17 14.97
CA SER A 264 -2.08 2.84 16.01
C SER A 264 -1.47 1.50 15.62
N GLY A 265 -0.27 1.21 16.12
CA GLY A 265 0.29 -0.15 16.09
C GLY A 265 0.21 -0.78 17.45
N ASP A 266 -0.16 -2.05 17.52
CA ASP A 266 -0.09 -2.87 18.76
C ASP A 266 1.38 -2.97 19.21
N ALA A 267 2.31 -3.11 18.28
CA ALA A 267 3.71 -3.49 18.56
C ALA A 267 3.72 -4.72 19.49
N PHE A 268 2.89 -5.72 19.20
CA PHE A 268 2.69 -6.89 20.10
C PHE A 268 3.14 -8.18 19.41
N HIS A 269 2.49 -8.57 18.31
CA HIS A 269 2.68 -9.90 17.66
C HIS A 269 2.35 -9.79 16.17
N MET A 270 3.03 -10.58 15.33
CA MET A 270 2.85 -10.61 13.86
C MET A 270 1.39 -10.85 13.50
N THR A 271 0.69 -11.73 14.23
CA THR A 271 -0.68 -12.19 13.83
C THR A 271 -1.69 -12.10 14.97
N ALA A 272 -1.26 -12.20 16.22
CA ALA A 272 -2.17 -12.29 17.38
C ALA A 272 -2.41 -10.88 17.92
N PRO A 273 -3.67 -10.47 18.18
CA PRO A 273 -3.95 -9.22 18.86
C PRO A 273 -3.74 -9.38 20.36
N PRO A 274 -3.31 -8.36 21.10
CA PRO A 274 -3.17 -8.51 22.55
C PRO A 274 -4.58 -8.72 23.17
N GLU A 275 -4.71 -9.60 24.17
CA GLU A 275 -6.00 -9.97 24.85
C GLU A 275 -6.71 -8.72 25.42
N ASP A 276 -5.96 -7.72 25.88
CA ASP A 276 -6.54 -6.51 26.53
C ASP A 276 -7.00 -5.47 25.49
N GLY A 277 -6.70 -5.67 24.20
CA GLY A 277 -7.14 -4.75 23.15
C GLY A 277 -6.48 -3.38 23.24
N ALA A 278 -5.27 -3.28 23.83
CA ALA A 278 -4.61 -1.99 24.13
C ALA A 278 -4.43 -1.14 22.86
N GLY A 279 -3.99 -1.76 21.75
CA GLY A 279 -3.76 -1.07 20.46
C GLY A 279 -5.04 -0.60 19.82
N ALA A 280 -6.08 -1.43 19.82
CA ALA A 280 -7.43 -1.06 19.34
C ALA A 280 -7.98 0.11 20.18
N ALA A 281 -7.74 0.09 21.49
CA ALA A 281 -8.19 1.17 22.40
C ALA A 281 -7.44 2.45 22.05
N ARG A 282 -6.13 2.40 21.89
CA ARG A 282 -5.33 3.60 21.52
C ARG A 282 -5.87 4.15 20.19
N CYS A 283 -6.15 3.26 19.24
CA CYS A 283 -6.62 3.65 17.90
C CYS A 283 -7.96 4.38 17.99
N MET A 284 -8.94 3.80 18.71
CA MET A 284 -10.29 4.42 18.83
C MET A 284 -10.18 5.78 19.52
N LYS A 285 -9.37 5.88 20.57
CA LYS A 285 -9.18 7.16 21.31
C LYS A 285 -8.58 8.21 20.38
N ASN A 286 -7.60 7.82 19.56
CA ASN A 286 -7.02 8.70 18.52
C ASN A 286 -8.15 9.23 17.63
N ALA A 287 -9.01 8.33 17.13
CA ALA A 287 -10.12 8.68 16.19
C ALA A 287 -11.13 9.60 16.92
N LEU A 288 -11.50 9.32 18.16
CA LEU A 288 -12.54 10.12 18.85
C LEU A 288 -12.01 11.53 19.11
N ARG A 289 -10.72 11.63 19.46
CA ARG A 289 -10.07 12.94 19.71
C ARG A 289 -10.00 13.70 18.39
N ASP A 290 -9.61 13.01 17.32
CA ASP A 290 -9.56 13.54 15.94
C ASP A 290 -10.93 14.10 15.56
N ALA A 291 -12.03 13.46 15.99
CA ALA A 291 -13.41 13.86 15.65
C ALA A 291 -13.97 14.93 16.62
N GLY A 292 -13.20 15.35 17.64
CA GLY A 292 -13.61 16.33 18.65
C GLY A 292 -14.81 15.84 19.45
N LEU A 293 -14.88 14.53 19.74
CA LEU A 293 -16.09 13.92 20.34
C LEU A 293 -15.86 13.52 21.81
N ASP A 294 -16.93 13.64 22.57
CA ASP A 294 -17.15 12.87 23.82
C ASP A 294 -17.41 11.42 23.40
N PRO A 295 -16.74 10.40 23.96
CA PRO A 295 -17.01 9.00 23.62
C PRO A 295 -18.48 8.61 23.81
N ARG A 296 -19.18 9.23 24.77
CA ARG A 296 -20.64 8.97 24.97
C ARG A 296 -21.46 9.34 23.72
N GLN A 297 -20.92 10.07 22.74
CA GLN A 297 -21.68 10.41 21.50
C GLN A 297 -21.76 9.17 20.60
N VAL A 298 -20.89 8.17 20.81
CA VAL A 298 -20.85 6.99 19.90
C VAL A 298 -22.09 6.13 20.13
N ASP A 299 -22.89 5.94 19.07
CA ASP A 299 -24.15 5.16 19.11
C ASP A 299 -23.95 3.75 18.56
N TYR A 300 -23.12 3.59 17.53
CA TYR A 300 -22.99 2.32 16.78
C TYR A 300 -21.52 2.10 16.43
N ILE A 301 -21.04 0.88 16.67
CA ILE A 301 -19.69 0.41 16.28
C ILE A 301 -19.85 -0.79 15.34
N ASN A 302 -19.41 -0.65 14.10
CA ASN A 302 -19.21 -1.80 13.20
C ASN A 302 -17.86 -2.38 13.61
N ALA A 303 -17.91 -3.44 14.41
CA ALA A 303 -16.72 -4.13 14.95
C ALA A 303 -15.91 -4.72 13.79
N HIS A 304 -14.64 -4.94 14.02
CA HIS A 304 -13.85 -5.86 13.16
C HIS A 304 -14.49 -7.25 13.24
N GLY A 305 -14.65 -7.79 14.46
CA GLY A 305 -15.48 -8.98 14.73
C GLY A 305 -15.24 -10.12 13.76
N THR A 306 -14.04 -10.70 13.75
CA THR A 306 -13.62 -11.69 12.72
C THR A 306 -14.12 -13.11 13.03
N SER A 307 -14.59 -13.40 14.25
CA SER A 307 -14.94 -14.77 14.70
C SER A 307 -13.67 -15.59 15.02
N THR A 308 -12.57 -14.93 15.39
CA THR A 308 -11.43 -15.61 16.07
C THR A 308 -11.65 -15.54 17.57
N PRO A 309 -11.22 -16.59 18.30
CA PRO A 309 -11.23 -16.57 19.76
C PRO A 309 -10.56 -15.29 20.30
N ALA A 310 -9.32 -15.01 19.93
CA ALA A 310 -8.52 -13.92 20.53
C ALA A 310 -8.98 -12.54 20.00
N GLY A 311 -9.28 -12.42 18.70
CA GLY A 311 -9.70 -11.14 18.10
C GLY A 311 -10.97 -10.57 18.73
N ASP A 312 -12.04 -11.38 18.78
CA ASP A 312 -13.38 -10.99 19.28
C ASP A 312 -13.26 -10.53 20.74
N ILE A 313 -12.55 -11.26 21.59
CA ILE A 313 -12.48 -10.89 23.03
C ILE A 313 -11.63 -9.61 23.19
N ALA A 314 -10.55 -9.42 22.44
CA ALA A 314 -9.72 -8.20 22.49
C ALA A 314 -10.58 -6.96 22.20
N GLU A 315 -11.52 -7.05 21.25
CA GLU A 315 -12.38 -5.90 20.85
C GLU A 315 -13.34 -5.56 21.98
N ILE A 316 -13.91 -6.54 22.67
CA ILE A 316 -14.78 -6.24 23.84
C ILE A 316 -13.96 -5.42 24.84
N ALA A 317 -12.77 -5.91 25.16
CA ALA A 317 -11.87 -5.30 26.17
C ALA A 317 -11.58 -3.86 25.73
N ALA A 318 -11.29 -3.62 24.44
CA ALA A 318 -10.95 -2.29 23.91
C ALA A 318 -12.14 -1.34 24.07
N VAL A 319 -13.34 -1.80 23.67
CA VAL A 319 -14.57 -0.98 23.72
C VAL A 319 -14.87 -0.66 25.20
N LYS A 320 -14.81 -1.64 26.11
CA LYS A 320 -15.03 -1.38 27.56
C LYS A 320 -14.01 -0.36 28.09
N SER A 321 -12.75 -0.44 27.67
CA SER A 321 -11.67 0.44 28.16
C SER A 321 -11.93 1.88 27.65
N VAL A 322 -12.35 2.04 26.39
CA VAL A 322 -12.55 3.36 25.74
C VAL A 322 -13.82 4.02 26.27
N PHE A 323 -14.90 3.26 26.40
CA PHE A 323 -16.24 3.85 26.59
C PHE A 323 -16.73 3.70 28.03
N GLY A 324 -16.07 2.87 28.85
CA GLY A 324 -16.44 2.67 30.26
C GLY A 324 -17.92 2.32 30.34
N GLU A 325 -18.72 2.99 31.17
CA GLU A 325 -20.14 2.63 31.39
C GLU A 325 -20.94 2.86 30.09
N HIS A 326 -20.52 3.80 29.24
CA HIS A 326 -21.21 4.05 27.94
C HIS A 326 -21.10 2.80 27.02
N ALA A 327 -20.18 1.89 27.29
CA ALA A 327 -20.02 0.64 26.49
C ALA A 327 -21.31 -0.19 26.52
N HIS A 328 -22.11 -0.08 27.59
CA HIS A 328 -23.40 -0.78 27.76
C HIS A 328 -24.56 -0.06 27.05
N ALA A 329 -24.39 1.14 26.50
CA ALA A 329 -25.50 1.94 25.91
C ALA A 329 -25.42 1.92 24.38
N LEU A 330 -24.21 2.00 23.81
CA LEU A 330 -24.00 1.90 22.35
C LEU A 330 -24.36 0.48 21.87
N SER A 331 -24.50 0.32 20.56
CA SER A 331 -24.70 -0.99 19.89
C SER A 331 -23.46 -1.31 19.07
N MET A 332 -22.99 -2.53 19.16
CA MET A 332 -21.81 -3.02 18.42
C MET A 332 -22.21 -4.30 17.71
N SER A 333 -21.91 -4.40 16.43
CA SER A 333 -22.23 -5.60 15.64
C SER A 333 -21.10 -5.88 14.66
N SER A 334 -20.98 -7.17 14.32
CA SER A 334 -20.09 -7.65 13.26
C SER A 334 -20.92 -8.15 12.07
N THR A 335 -20.84 -7.42 10.96
CA THR A 335 -21.49 -7.78 9.68
C THR A 335 -20.70 -8.94 9.06
N LYS A 336 -19.49 -9.24 9.59
CA LYS A 336 -18.71 -10.42 9.18
C LYS A 336 -19.49 -11.69 9.56
N SER A 337 -20.44 -11.59 10.48
CA SER A 337 -21.34 -12.72 10.81
C SER A 337 -22.06 -13.19 9.54
N MET A 338 -22.32 -12.27 8.60
CA MET A 338 -23.08 -12.50 7.35
C MET A 338 -22.15 -12.50 6.11
N THR A 339 -21.19 -11.57 6.01
CA THR A 339 -20.36 -11.36 4.79
C THR A 339 -19.10 -12.23 4.81
N GLY A 340 -18.72 -12.70 6.00
CA GLY A 340 -17.37 -13.18 6.27
C GLY A 340 -16.37 -12.05 6.24
N HIS A 341 -15.10 -12.40 6.17
CA HIS A 341 -13.95 -11.48 6.27
C HIS A 341 -13.38 -11.21 4.88
N LEU A 342 -13.60 -10.00 4.37
CA LEU A 342 -13.17 -9.58 3.01
C LEU A 342 -11.74 -9.05 3.05
N LEU A 343 -11.06 -9.23 4.18
CA LEU A 343 -9.62 -8.93 4.35
C LEU A 343 -9.41 -7.46 4.03
N GLY A 344 -8.60 -7.13 3.02
CA GLY A 344 -8.30 -5.73 2.69
C GLY A 344 -9.55 -4.96 2.27
N ALA A 345 -10.61 -5.65 1.85
CA ALA A 345 -11.89 -5.00 1.47
C ALA A 345 -12.82 -4.90 2.69
N ALA A 346 -12.53 -5.60 3.79
CA ALA A 346 -13.41 -5.60 4.99
C ALA A 346 -13.73 -4.16 5.43
N GLY A 347 -12.69 -3.35 5.63
CA GLY A 347 -12.83 -1.97 6.12
C GLY A 347 -13.66 -1.13 5.15
N ALA A 348 -13.60 -1.43 3.86
CA ALA A 348 -14.30 -0.63 2.83
C ALA A 348 -15.81 -0.93 2.85
N VAL A 349 -16.19 -2.21 2.81
CA VAL A 349 -17.62 -2.58 2.83
C VAL A 349 -18.19 -2.17 4.20
N GLU A 350 -17.42 -2.30 5.27
CA GLU A 350 -17.92 -2.02 6.63
C GLU A 350 -18.05 -0.52 6.85
N ALA A 351 -17.20 0.29 6.23
CA ALA A 351 -17.39 1.76 6.24
C ALA A 351 -18.74 2.07 5.55
N ILE A 352 -19.03 1.40 4.43
CA ILE A 352 -20.31 1.63 3.68
C ILE A 352 -21.47 1.23 4.61
N PHE A 353 -21.37 0.09 5.31
CA PHE A 353 -22.44 -0.40 6.21
C PHE A 353 -22.62 0.60 7.35
N SER A 354 -21.55 1.23 7.84
CA SER A 354 -21.60 2.23 8.93
C SER A 354 -22.36 3.47 8.45
N VAL A 355 -22.10 3.91 7.22
CA VAL A 355 -22.81 5.08 6.63
C VAL A 355 -24.30 4.75 6.46
N LEU A 356 -24.64 3.54 6.01
CA LEU A 356 -26.06 3.16 5.77
C LEU A 356 -26.74 2.98 7.14
N ALA A 357 -25.98 2.61 8.17
CA ALA A 357 -26.51 2.53 9.55
C ALA A 357 -26.97 3.94 9.95
N LEU A 358 -26.18 4.97 9.60
CA LEU A 358 -26.53 6.39 9.84
C LEU A 358 -27.74 6.78 8.97
N ARG A 359 -27.76 6.46 7.68
CA ARG A 359 -28.86 6.88 6.78
C ARG A 359 -30.18 6.30 7.29
N ASP A 360 -30.21 5.02 7.66
CA ASP A 360 -31.46 4.25 7.92
C ASP A 360 -31.74 4.13 9.41
N GLN A 361 -30.83 4.56 10.27
CA GLN A 361 -31.03 4.61 11.75
C GLN A 361 -31.30 3.19 12.23
N VAL A 362 -30.41 2.28 11.88
CA VAL A 362 -30.53 0.85 12.27
C VAL A 362 -29.14 0.25 12.46
N ALA A 363 -28.97 -0.51 13.53
CA ALA A 363 -27.79 -1.34 13.78
C ALA A 363 -28.00 -2.68 13.10
N PRO A 364 -27.13 -3.04 12.14
CA PRO A 364 -27.12 -4.39 11.59
C PRO A 364 -26.91 -5.47 12.64
N PRO A 365 -27.45 -6.69 12.42
CA PRO A 365 -27.30 -7.74 13.42
C PRO A 365 -25.91 -8.38 13.38
N THR A 366 -25.53 -8.98 14.50
CA THR A 366 -24.51 -10.06 14.54
C THR A 366 -25.27 -11.38 14.50
N ILE A 367 -25.38 -12.00 13.34
CA ILE A 367 -26.06 -13.33 13.28
C ILE A 367 -25.18 -14.39 13.94
N ASN A 368 -25.78 -15.55 14.25
CA ASN A 368 -25.12 -16.75 14.83
C ASN A 368 -24.65 -16.53 16.25
N LEU A 369 -25.03 -15.42 16.91
CA LEU A 369 -24.58 -15.14 18.29
C LEU A 369 -25.52 -15.86 19.26
N ASP A 370 -25.48 -17.19 19.23
CA ASP A 370 -26.38 -18.07 20.02
C ASP A 370 -25.95 -18.06 21.49
N ASN A 371 -24.65 -18.12 21.80
CA ASN A 371 -24.16 -18.21 23.21
C ASN A 371 -22.97 -17.28 23.36
N PRO A 372 -23.23 -16.00 23.67
CA PRO A 372 -22.16 -15.03 23.85
C PRO A 372 -21.12 -15.59 24.83
N ASP A 373 -19.84 -15.40 24.51
CA ASP A 373 -18.74 -16.00 25.30
C ASP A 373 -18.60 -15.22 26.61
N GLU A 374 -17.74 -15.72 27.49
CA GLU A 374 -17.37 -15.07 28.77
C GLU A 374 -17.03 -13.61 28.48
N GLY A 375 -17.77 -12.68 29.10
CA GLY A 375 -17.46 -11.24 29.13
C GLY A 375 -17.95 -10.49 27.90
N CYS A 376 -18.56 -11.19 26.93
CA CYS A 376 -19.16 -10.60 25.69
C CYS A 376 -20.60 -10.20 25.99
N ASP A 377 -20.77 -9.23 26.88
CA ASP A 377 -22.08 -8.90 27.53
C ASP A 377 -22.49 -7.47 27.17
N LEU A 378 -21.99 -6.94 26.04
CA LEU A 378 -22.46 -5.65 25.49
C LEU A 378 -23.70 -5.91 24.64
N ASP A 379 -24.36 -4.85 24.20
CA ASP A 379 -25.38 -4.94 23.13
C ASP A 379 -24.62 -5.26 21.82
N LEU A 380 -24.61 -6.53 21.43
CA LEU A 380 -23.94 -7.01 20.19
C LEU A 380 -24.96 -7.26 19.08
N VAL A 381 -26.17 -6.72 19.26
CA VAL A 381 -27.29 -6.77 18.28
C VAL A 381 -27.48 -8.21 17.81
N ALA A 382 -27.50 -9.17 18.74
CA ALA A 382 -27.61 -10.61 18.40
C ALA A 382 -28.82 -10.86 17.48
N HIS A 383 -28.62 -11.64 16.41
CA HIS A 383 -29.68 -12.28 15.59
C HIS A 383 -30.42 -11.29 14.67
N GLU A 384 -30.88 -10.14 15.17
CA GLU A 384 -31.82 -9.27 14.41
C GLU A 384 -31.40 -7.80 14.43
N ALA A 385 -31.59 -7.13 13.28
CA ALA A 385 -31.30 -5.69 13.10
C ALA A 385 -32.09 -4.92 14.15
N LYS A 386 -31.49 -3.88 14.74
CA LYS A 386 -32.12 -3.08 15.83
C LYS A 386 -32.26 -1.63 15.38
N PRO A 387 -33.47 -1.17 15.01
CA PRO A 387 -33.69 0.25 14.75
C PRO A 387 -33.35 1.04 16.01
N ARG A 388 -32.68 2.17 15.86
CA ARG A 388 -32.24 3.00 17.02
C ARG A 388 -31.65 4.30 16.52
N LYS A 389 -31.49 5.23 17.45
CA LYS A 389 -30.85 6.52 17.18
C LYS A 389 -29.34 6.30 16.98
N ILE A 390 -28.85 6.79 15.85
CA ILE A 390 -27.41 6.72 15.49
C ILE A 390 -27.03 8.07 14.94
N ASP A 391 -26.34 8.88 15.73
CA ASP A 391 -25.74 10.14 15.24
C ASP A 391 -24.28 9.92 14.84
N VAL A 392 -23.58 9.06 15.56
CA VAL A 392 -22.12 8.83 15.38
C VAL A 392 -21.90 7.32 15.29
N ALA A 393 -21.28 6.87 14.21
CA ALA A 393 -20.95 5.46 13.98
C ALA A 393 -19.44 5.34 13.80
N LEU A 394 -18.86 4.30 14.40
N LEU A 394 -18.83 4.37 14.50
CA LEU A 394 -17.41 3.97 14.36
CA LEU A 394 -17.42 3.94 14.31
C LEU A 394 -17.23 2.64 13.61
C LEU A 394 -17.38 2.75 13.36
N SER A 395 -16.23 2.54 12.71
CA SER A 395 -15.90 1.29 12.01
C SER A 395 -14.43 0.94 12.37
N ASN A 396 -14.22 -0.22 12.98
CA ASN A 396 -12.89 -0.69 13.44
C ASN A 396 -12.32 -1.77 12.51
N SER A 397 -11.00 -1.75 12.34
CA SER A 397 -10.23 -2.78 11.62
C SER A 397 -8.92 -2.96 12.38
N PHE A 398 -8.50 -4.21 12.50
N PHE A 398 -8.51 -4.20 12.59
CA PHE A 398 -7.19 -4.65 13.05
CA PHE A 398 -7.13 -4.57 13.00
C PHE A 398 -6.62 -5.71 12.11
C PHE A 398 -6.61 -5.60 12.01
N GLY A 399 -5.29 -5.75 11.95
CA GLY A 399 -4.66 -6.67 10.98
C GLY A 399 -3.33 -7.17 11.46
N PHE A 400 -2.81 -8.16 10.73
CA PHE A 400 -1.44 -8.68 10.90
C PHE A 400 -0.47 -7.49 10.93
N GLY A 401 0.59 -7.66 11.71
CA GLY A 401 1.56 -6.61 12.03
C GLY A 401 1.08 -5.69 13.15
N GLY A 402 -0.05 -5.99 13.77
CA GLY A 402 -0.63 -5.18 14.87
C GLY A 402 -1.10 -3.83 14.37
N THR A 403 -1.61 -3.77 13.14
N THR A 403 -1.54 -3.81 13.11
CA THR A 403 -2.02 -2.50 12.49
CA THR A 403 -2.09 -2.61 12.45
C THR A 403 -3.51 -2.27 12.74
C THR A 403 -3.49 -2.35 13.04
N ASN A 404 -3.85 -1.07 13.22
CA ASN A 404 -5.21 -0.70 13.67
C ASN A 404 -5.67 0.53 12.89
N GLY A 405 -6.95 0.52 12.52
CA GLY A 405 -7.64 1.69 11.99
C GLY A 405 -9.03 1.85 12.55
N THR A 406 -9.43 3.09 12.72
CA THR A 406 -10.79 3.45 13.15
C THR A 406 -11.27 4.61 12.30
N LEU A 407 -12.49 4.51 11.78
CA LEU A 407 -13.17 5.62 11.10
C LEU A 407 -14.38 6.05 11.95
N VAL A 408 -14.57 7.35 12.08
CA VAL A 408 -15.76 7.97 12.74
C VAL A 408 -16.57 8.76 11.72
N PHE A 409 -17.81 8.33 11.52
CA PHE A 409 -18.81 8.99 10.66
C PHE A 409 -19.90 9.60 11.55
N ARG A 410 -20.54 10.66 11.08
CA ARG A 410 -21.76 11.18 11.73
C ARG A 410 -22.71 11.69 10.65
N ARG A 411 -23.98 11.84 11.03
CA ARG A 411 -25.03 12.41 10.18
C ARG A 411 -24.60 13.81 9.74
N PHE A 412 -24.92 14.16 8.49
CA PHE A 412 -24.72 15.54 8.00
C PHE A 412 -26.09 16.21 7.88
N ALA A 413 -26.21 17.47 8.35
CA ALA A 413 -27.43 18.32 8.29
C ALA A 413 -27.21 19.45 7.27
N SER B 2 -0.93 25.78 9.28
CA SER B 2 0.55 25.71 9.14
C SER B 2 1.03 24.24 9.17
N ARG B 3 2.34 24.04 9.12
CA ARG B 3 3.00 22.75 8.83
C ARG B 3 4.36 22.72 9.52
N ARG B 4 4.72 21.61 10.15
CA ARG B 4 6.05 21.47 10.79
C ARG B 4 7.08 21.04 9.76
N ARG B 5 8.33 21.38 10.03
CA ARG B 5 9.44 21.03 9.12
C ARG B 5 9.87 19.58 9.39
N VAL B 6 10.29 18.89 8.34
CA VAL B 6 10.74 17.47 8.40
C VAL B 6 12.20 17.35 7.95
N VAL B 7 13.02 16.70 8.77
CA VAL B 7 14.44 16.46 8.45
C VAL B 7 14.73 14.96 8.42
N ILE B 8 15.80 14.60 7.73
CA ILE B 8 16.35 13.24 7.61
C ILE B 8 17.50 13.08 8.62
N THR B 9 17.36 12.19 9.59
CA THR B 9 18.36 12.03 10.67
C THR B 9 19.01 10.64 10.65
N GLY B 10 18.56 9.75 9.79
CA GLY B 10 19.06 8.36 9.70
C GLY B 10 18.74 7.73 8.36
N MET B 11 19.68 6.99 7.80
CA MET B 11 19.47 6.28 6.52
C MET B 11 20.08 4.90 6.61
N GLY B 12 19.48 3.96 5.89
CA GLY B 12 19.84 2.53 5.83
C GLY B 12 19.55 1.97 4.46
N MET B 13 20.29 0.96 4.02
CA MET B 13 20.18 0.47 2.63
C MET B 13 20.83 -0.91 2.50
N LEU B 14 20.22 -1.73 1.64
CA LEU B 14 20.85 -2.86 0.92
C LEU B 14 20.69 -2.58 -0.57
N SER B 15 21.74 -2.69 -1.35
CA SER B 15 21.66 -2.44 -2.81
C SER B 15 22.58 -3.42 -3.52
N PRO B 16 22.50 -3.49 -4.86
CA PRO B 16 23.48 -4.26 -5.63
C PRO B 16 24.92 -3.76 -5.47
N LEU B 17 25.11 -2.55 -4.92
CA LEU B 17 26.47 -1.97 -4.73
C LEU B 17 27.02 -2.23 -3.33
N GLY B 18 26.19 -2.62 -2.37
CA GLY B 18 26.68 -2.76 -0.99
C GLY B 18 25.61 -3.05 0.03
N LEU B 19 26.05 -3.41 1.23
CA LEU B 19 25.20 -3.90 2.34
C LEU B 19 24.89 -2.76 3.31
N ASP B 20 25.26 -1.52 2.95
CA ASP B 20 24.92 -0.33 3.76
C ASP B 20 25.00 0.91 2.88
N VAL B 21 24.72 2.08 3.44
CA VAL B 21 24.71 3.34 2.64
C VAL B 21 26.12 3.70 2.19
N PRO B 22 27.13 3.80 3.08
CA PRO B 22 28.44 4.30 2.68
C PRO B 22 29.09 3.43 1.60
N SER B 23 28.98 2.12 1.68
CA SER B 23 29.53 1.21 0.63
C SER B 23 28.76 1.42 -0.70
N SER B 24 27.44 1.50 -0.66
CA SER B 24 26.61 1.73 -1.88
C SER B 24 27.00 3.07 -2.52
N TRP B 25 27.05 4.13 -1.71
CA TRP B 25 27.41 5.51 -2.14
C TRP B 25 28.80 5.54 -2.79
N GLU B 26 29.76 4.83 -2.20
CA GLU B 26 31.13 4.77 -2.74
C GLU B 26 31.09 4.18 -4.15
N GLY B 27 30.30 3.13 -4.37
CA GLY B 27 30.13 2.50 -5.70
C GLY B 27 29.53 3.50 -6.67
N ILE B 28 28.54 4.26 -6.20
CA ILE B 28 27.77 5.24 -7.03
C ILE B 28 28.74 6.29 -7.55
N LEU B 29 29.51 6.90 -6.65
CA LEU B 29 30.46 7.98 -7.03
C LEU B 29 31.61 7.45 -7.90
N ALA B 30 31.94 6.16 -7.82
CA ALA B 30 32.98 5.52 -8.66
C ALA B 30 32.40 5.00 -9.98
N GLY B 31 31.09 5.08 -10.20
CA GLY B 31 30.48 4.60 -11.44
C GLY B 31 30.54 3.09 -11.57
N ARG B 32 30.53 2.37 -10.45
CA ARG B 32 30.56 0.89 -10.42
C ARG B 32 29.15 0.36 -10.73
N SER B 33 29.05 -0.72 -11.49
CA SER B 33 27.79 -1.46 -11.75
C SER B 33 27.62 -2.56 -10.68
N GLY B 34 26.42 -2.76 -10.16
CA GLY B 34 26.09 -3.94 -9.33
C GLY B 34 25.37 -5.01 -10.12
N ILE B 35 25.39 -4.90 -11.47
CA ILE B 35 24.64 -5.84 -12.36
C ILE B 35 25.55 -7.00 -12.79
N ALA B 36 25.01 -8.23 -12.77
CA ALA B 36 25.73 -9.48 -13.08
C ALA B 36 24.75 -10.62 -13.35
N PRO B 37 25.17 -11.73 -13.99
CA PRO B 37 24.31 -12.89 -14.14
C PRO B 37 23.82 -13.31 -12.76
N ILE B 38 22.56 -13.68 -12.69
CA ILE B 38 21.93 -14.15 -11.43
C ILE B 38 22.38 -15.57 -11.15
N GLU B 39 22.78 -15.88 -9.92
CA GLU B 39 23.36 -17.20 -9.56
C GLU B 39 22.33 -18.03 -8.81
N HIS B 40 22.60 -19.34 -8.71
CA HIS B 40 21.84 -20.35 -7.92
C HIS B 40 20.42 -20.44 -8.49
N MET B 41 20.30 -20.31 -9.80
CA MET B 41 19.02 -20.33 -10.53
C MET B 41 19.26 -20.72 -11.98
N ASP B 42 18.49 -21.67 -12.52
CA ASP B 42 18.62 -22.09 -13.94
C ASP B 42 17.74 -21.15 -14.79
N LEU B 43 18.35 -20.12 -15.39
CA LEU B 43 17.66 -19.08 -16.21
C LEU B 43 17.83 -19.40 -17.71
N SER B 44 18.18 -20.64 -18.05
CA SER B 44 18.40 -21.10 -19.45
C SER B 44 17.24 -20.66 -20.34
N ALA B 45 16.01 -20.90 -19.89
CA ALA B 45 14.80 -20.71 -20.74
C ALA B 45 14.33 -19.25 -20.72
N TYR B 46 15.00 -18.38 -19.97
CA TYR B 46 14.62 -16.94 -19.79
C TYR B 46 15.37 -16.08 -20.82
N SER B 47 14.76 -14.99 -21.28
CA SER B 47 15.36 -14.03 -22.24
C SER B 47 16.31 -13.04 -21.53
N THR B 48 16.19 -12.90 -20.21
CA THR B 48 17.12 -12.10 -19.36
C THR B 48 17.65 -13.01 -18.25
N ARG B 49 18.98 -13.04 -18.04
CA ARG B 49 19.67 -13.96 -17.09
C ARG B 49 20.48 -13.17 -16.06
N PHE B 50 20.27 -11.86 -15.98
CA PHE B 50 21.10 -10.94 -15.15
C PHE B 50 20.19 -9.92 -14.45
N GLY B 51 20.74 -9.28 -13.44
CA GLY B 51 20.08 -8.24 -12.63
C GLY B 51 21.00 -7.77 -11.53
N GLY B 52 20.44 -6.97 -10.60
CA GLY B 52 21.14 -6.45 -9.43
C GLY B 52 20.76 -7.20 -8.17
N SER B 53 21.53 -8.22 -7.79
CA SER B 53 21.26 -9.02 -6.59
C SER B 53 21.96 -8.34 -5.42
N VAL B 54 21.44 -8.49 -4.21
CA VAL B 54 22.18 -8.10 -2.99
C VAL B 54 23.20 -9.22 -2.73
N LYS B 55 24.47 -8.87 -2.59
CA LYS B 55 25.61 -9.83 -2.46
C LYS B 55 26.08 -9.95 -1.00
N GLY B 56 26.01 -11.16 -0.44
CA GLY B 56 26.56 -11.53 0.89
C GLY B 56 25.72 -11.01 2.07
N PHE B 57 24.42 -10.80 1.87
CA PHE B 57 23.51 -10.35 2.94
C PHE B 57 23.49 -11.41 4.05
N ASN B 58 23.71 -10.98 5.28
CA ASN B 58 23.65 -11.85 6.47
C ASN B 58 22.49 -11.37 7.35
N VAL B 59 21.30 -11.97 7.17
CA VAL B 59 20.08 -11.62 7.95
C VAL B 59 20.33 -11.86 9.45
N GLU B 60 21.21 -12.78 9.84
CA GLU B 60 21.49 -13.08 11.28
C GLU B 60 22.21 -11.92 11.99
N GLU B 61 22.65 -10.87 11.28
CA GLU B 61 23.08 -9.62 11.96
C GLU B 61 21.86 -8.87 12.55
N TYR B 62 20.66 -9.19 12.10
CA TYR B 62 19.41 -8.46 12.42
C TYR B 62 18.46 -9.35 13.18
N LEU B 63 18.25 -10.59 12.71
CA LEU B 63 17.25 -11.53 13.27
C LEU B 63 17.90 -12.86 13.62
N SER B 64 17.29 -13.61 14.54
CA SER B 64 17.62 -15.03 14.77
C SER B 64 17.31 -15.80 13.48
N ALA B 65 18.02 -16.89 13.20
CA ALA B 65 17.72 -17.79 12.05
C ALA B 65 16.23 -18.14 12.04
N LYS B 66 15.66 -18.40 13.22
CA LYS B 66 14.27 -18.89 13.34
C LYS B 66 13.27 -17.79 12.91
N GLU B 67 13.48 -16.55 13.34
N GLU B 67 13.48 -16.57 13.42
CA GLU B 67 12.57 -15.43 12.94
CA GLU B 67 12.77 -15.32 13.02
C GLU B 67 12.80 -15.12 11.44
C GLU B 67 12.82 -15.18 11.49
N ALA B 68 14.03 -15.25 10.94
CA ALA B 68 14.32 -15.00 9.51
C ALA B 68 13.61 -16.01 8.61
N ARG B 69 13.49 -17.28 9.05
CA ARG B 69 12.87 -18.37 8.24
C ARG B 69 11.38 -18.05 7.99
N LYS B 70 10.78 -17.18 8.79
CA LYS B 70 9.33 -16.86 8.72
C LYS B 70 9.06 -15.80 7.64
N LEU B 71 10.09 -15.13 7.13
CA LEU B 71 9.96 -13.86 6.38
C LEU B 71 10.53 -14.01 4.97
N ASP B 72 9.78 -13.51 4.00
CA ASP B 72 10.31 -13.38 2.62
C ASP B 72 11.58 -12.54 2.62
N LEU B 73 12.45 -12.76 1.64
CA LEU B 73 13.64 -11.92 1.40
C LEU B 73 13.28 -10.42 1.37
N PHE B 74 12.20 -9.99 0.71
CA PHE B 74 11.90 -8.54 0.61
C PHE B 74 11.66 -7.98 2.01
N ILE B 75 11.08 -8.77 2.92
CA ILE B 75 10.83 -8.33 4.32
C ILE B 75 12.18 -8.27 5.06
N GLN B 76 13.02 -9.27 4.88
CA GLN B 76 14.38 -9.30 5.49
C GLN B 76 15.10 -8.00 5.05
N TYR B 77 15.06 -7.65 3.77
CA TYR B 77 15.81 -6.49 3.24
C TYR B 77 15.23 -5.20 3.84
N GLY B 78 13.90 -5.09 3.89
CA GLY B 78 13.21 -3.95 4.51
C GLY B 78 13.64 -3.74 5.95
N LEU B 79 13.66 -4.81 6.73
CA LEU B 79 14.04 -4.78 8.15
C LEU B 79 15.51 -4.36 8.29
N ALA B 80 16.41 -4.89 7.47
CA ALA B 80 17.85 -4.52 7.53
C ALA B 80 18.02 -3.00 7.29
N ALA B 81 17.44 -2.46 6.22
CA ALA B 81 17.51 -1.01 5.91
C ALA B 81 16.95 -0.20 7.08
N SER B 82 15.81 -0.62 7.64
CA SER B 82 15.10 0.07 8.74
C SER B 82 15.96 0.06 10.00
N PHE B 83 16.50 -1.11 10.36
CA PHE B 83 17.33 -1.23 11.60
C PHE B 83 18.57 -0.35 11.43
N GLN B 84 19.21 -0.38 10.24
CA GLN B 84 20.38 0.49 9.90
C GLN B 84 19.98 1.95 10.13
N ALA B 85 18.81 2.37 9.63
CA ALA B 85 18.38 3.79 9.62
C ALA B 85 18.14 4.25 11.06
N VAL B 86 17.44 3.43 11.84
CA VAL B 86 17.11 3.78 13.25
C VAL B 86 18.43 3.87 14.02
N ARG B 87 19.35 2.92 13.82
CA ARG B 87 20.69 2.96 14.47
C ARG B 87 21.41 4.25 14.05
N ASP B 88 21.42 4.57 12.75
CA ASP B 88 22.13 5.75 12.21
C ASP B 88 21.56 7.05 12.84
N SER B 89 20.29 7.05 13.24
CA SER B 89 19.57 8.25 13.71
C SER B 89 19.96 8.56 15.15
N GLY B 90 20.38 7.53 15.92
CA GLY B 90 20.65 7.64 17.38
C GLY B 90 19.36 7.75 18.19
N LEU B 91 18.20 7.65 17.56
CA LEU B 91 16.91 7.82 18.26
C LEU B 91 16.77 6.82 19.40
N GLU B 92 16.28 7.28 20.52
CA GLU B 92 15.98 6.46 21.71
C GLU B 92 14.46 6.38 21.85
N VAL B 93 13.89 5.20 21.60
CA VAL B 93 12.44 4.91 21.78
C VAL B 93 12.17 4.70 23.27
N THR B 94 11.19 5.43 23.82
CA THR B 94 10.79 5.41 25.24
C THR B 94 9.28 5.28 25.38
N ASP B 95 8.81 4.98 26.59
CA ASP B 95 7.36 5.05 26.88
C ASP B 95 6.85 6.47 26.60
N ALA B 96 7.67 7.52 26.72
CA ALA B 96 7.23 8.91 26.53
C ALA B 96 7.10 9.27 25.05
N ASN B 97 7.68 8.50 24.10
CA ASN B 97 7.60 8.90 22.68
C ASN B 97 7.11 7.78 21.76
N ARG B 98 6.89 6.56 22.25
CA ARG B 98 6.70 5.40 21.34
C ARG B 98 5.39 5.59 20.55
N GLU B 99 4.40 6.29 21.09
CA GLU B 99 3.14 6.54 20.35
C GLU B 99 3.38 7.55 19.23
N ARG B 100 4.52 8.24 19.20
CA ARG B 100 4.76 9.33 18.21
C ARG B 100 5.73 8.84 17.12
N ILE B 101 6.08 7.56 17.13
CA ILE B 101 7.05 6.98 16.16
C ILE B 101 6.32 5.91 15.37
N GLY B 102 6.23 6.08 14.05
CA GLY B 102 5.57 5.13 13.17
C GLY B 102 6.48 4.63 12.08
N VAL B 103 5.89 3.84 11.18
N VAL B 103 5.89 3.89 11.14
CA VAL B 103 6.60 3.13 10.07
CA VAL B 103 6.67 3.22 10.05
C VAL B 103 5.71 3.13 8.82
C VAL B 103 5.77 3.02 8.83
N SER B 104 6.31 3.37 7.67
CA SER B 104 5.66 3.15 6.36
C SER B 104 6.76 2.64 5.44
N MET B 105 6.99 1.33 5.48
CA MET B 105 7.89 0.64 4.55
C MET B 105 7.02 -0.17 3.58
N GLY B 106 7.26 0.03 2.27
CA GLY B 106 6.43 -0.60 1.24
C GLY B 106 7.23 -1.49 0.32
N SER B 107 6.52 -2.04 -0.64
CA SER B 107 7.06 -2.90 -1.71
C SER B 107 6.12 -2.78 -2.91
N GLY B 108 6.69 -2.90 -4.10
CA GLY B 108 5.96 -2.86 -5.38
C GLY B 108 5.29 -4.19 -5.65
N ILE B 109 6.01 -5.30 -5.45
CA ILE B 109 5.53 -6.64 -5.87
C ILE B 109 5.46 -7.62 -4.70
N GLY B 110 6.23 -7.44 -3.63
CA GLY B 110 6.09 -8.23 -2.40
C GLY B 110 6.69 -9.61 -2.56
N GLY B 111 6.04 -10.63 -2.00
CA GLY B 111 6.73 -11.89 -1.63
C GLY B 111 6.75 -12.92 -2.75
N LEU B 112 7.26 -12.59 -3.94
CA LEU B 112 7.29 -13.53 -5.09
C LEU B 112 8.10 -14.79 -4.79
N THR B 113 9.24 -14.66 -4.13
CA THR B 113 10.14 -15.80 -3.78
C THR B 113 9.37 -16.79 -2.90
N ASN B 114 8.71 -16.28 -1.86
N ASN B 114 8.66 -16.28 -1.89
CA ASN B 114 7.86 -17.09 -0.94
CA ASN B 114 7.89 -17.15 -0.96
C ASN B 114 6.69 -17.71 -1.72
C ASN B 114 6.63 -17.70 -1.68
N ILE B 115 6.03 -16.94 -2.59
CA ILE B 115 4.88 -17.41 -3.40
C ILE B 115 5.38 -18.59 -4.27
N GLU B 116 6.52 -18.40 -4.91
CA GLU B 116 7.20 -19.44 -5.72
C GLU B 116 7.34 -20.72 -4.91
N ASN B 117 8.01 -20.66 -3.76
CA ASN B 117 8.41 -21.89 -3.04
C ASN B 117 7.15 -22.54 -2.47
N ASN B 118 6.11 -21.77 -2.14
CA ASN B 118 4.88 -22.36 -1.57
C ASN B 118 4.02 -22.96 -2.68
N CYS B 119 4.01 -22.36 -3.89
CA CYS B 119 3.37 -22.95 -5.10
C CYS B 119 3.97 -24.32 -5.38
N ARG B 120 5.30 -24.42 -5.29
CA ARG B 120 6.00 -25.72 -5.44
C ARG B 120 5.35 -26.72 -4.47
N SER B 121 5.30 -26.42 -3.16
CA SER B 121 4.72 -27.34 -2.15
C SER B 121 3.30 -27.72 -2.60
N LEU B 122 2.48 -26.71 -2.87
CA LEU B 122 1.03 -26.84 -3.20
C LEU B 122 0.82 -27.78 -4.38
N PHE B 123 1.50 -27.51 -5.50
CA PHE B 123 1.32 -28.25 -6.79
C PHE B 123 1.82 -29.69 -6.64
N GLU B 124 2.95 -29.88 -5.98
CA GLU B 124 3.65 -31.19 -5.85
C GLU B 124 2.92 -32.07 -4.83
N GLN B 125 2.66 -31.51 -3.63
N GLN B 125 2.67 -31.57 -3.62
CA GLN B 125 2.29 -32.26 -2.40
CA GLN B 125 2.15 -32.40 -2.50
C GLN B 125 0.90 -31.87 -1.88
C GLN B 125 0.97 -31.74 -1.77
N GLY B 126 0.25 -30.83 -2.43
CA GLY B 126 -1.05 -30.34 -1.95
C GLY B 126 -0.96 -29.29 -0.82
N PRO B 127 -2.10 -28.72 -0.40
CA PRO B 127 -2.09 -27.56 0.50
C PRO B 127 -1.57 -27.77 1.93
N ARG B 128 -1.55 -29.01 2.46
CA ARG B 128 -1.16 -29.23 3.87
C ARG B 128 0.36 -28.99 4.02
N ARG B 129 1.12 -28.86 2.92
CA ARG B 129 2.57 -28.58 3.00
C ARG B 129 2.87 -27.07 2.86
N ILE B 130 1.86 -26.22 2.71
CA ILE B 130 2.06 -24.73 2.72
C ILE B 130 2.54 -24.32 4.13
N SER B 131 3.55 -23.47 4.21
CA SER B 131 4.08 -22.97 5.49
C SER B 131 2.97 -22.25 6.26
N PRO B 132 2.83 -22.53 7.58
CA PRO B 132 1.98 -21.76 8.49
C PRO B 132 2.23 -20.24 8.46
N PHE B 133 3.46 -19.84 8.16
CA PHE B 133 3.86 -18.42 8.11
C PHE B 133 3.74 -17.90 6.68
N PHE B 134 3.21 -18.68 5.76
CA PHE B 134 3.11 -18.21 4.35
C PHE B 134 2.48 -16.81 4.31
N VAL B 135 1.31 -16.60 4.93
CA VAL B 135 0.61 -15.29 4.76
C VAL B 135 1.35 -14.18 5.52
N PRO B 136 1.52 -14.24 6.86
CA PRO B 136 2.14 -13.12 7.58
C PRO B 136 3.57 -12.88 7.08
N GLY B 137 4.23 -13.92 6.55
CA GLY B 137 5.62 -13.89 6.08
C GLY B 137 5.77 -13.41 4.64
N SER B 138 4.68 -13.11 3.94
CA SER B 138 4.71 -12.71 2.51
C SER B 138 4.05 -11.36 2.26
N ILE B 139 3.19 -10.87 3.14
CA ILE B 139 2.38 -9.66 2.85
C ILE B 139 3.24 -8.41 3.09
N ILE B 140 2.97 -7.40 2.30
CA ILE B 140 3.86 -6.22 2.16
C ILE B 140 3.93 -5.42 3.46
N ASN B 141 2.90 -5.43 4.31
CA ASN B 141 2.91 -4.57 5.53
C ASN B 141 3.71 -5.21 6.67
N MET B 142 4.36 -6.37 6.45
CA MET B 142 5.10 -7.05 7.53
C MET B 142 6.46 -6.39 7.81
N VAL B 143 7.05 -5.61 6.90
CA VAL B 143 8.23 -4.82 7.30
C VAL B 143 7.82 -3.83 8.40
N SER B 144 6.79 -3.03 8.14
CA SER B 144 6.22 -2.10 9.13
C SER B 144 5.80 -2.89 10.36
N GLY B 145 5.09 -4.01 10.18
CA GLY B 145 4.64 -4.86 11.30
C GLY B 145 5.79 -5.30 12.17
N PHE B 146 6.80 -5.95 11.60
CA PHE B 146 7.87 -6.61 12.39
C PHE B 146 8.75 -5.52 13.01
N LEU B 147 8.96 -4.42 12.28
CA LEU B 147 9.78 -3.32 12.79
C LEU B 147 9.10 -2.72 14.02
N SER B 148 7.81 -2.42 13.92
N SER B 148 7.81 -2.42 13.90
CA SER B 148 7.00 -1.87 15.04
CA SER B 148 6.95 -1.89 14.99
C SER B 148 7.05 -2.81 16.25
C SER B 148 7.03 -2.80 16.22
N ILE B 149 6.89 -4.12 16.03
CA ILE B 149 6.95 -5.12 17.14
C ILE B 149 8.36 -5.12 17.76
N HIS B 150 9.40 -5.16 16.94
CA HIS B 150 10.80 -5.28 17.43
C HIS B 150 11.21 -4.04 18.23
N LEU B 151 10.80 -2.83 17.81
CA LEU B 151 11.30 -1.56 18.42
C LEU B 151 10.24 -0.96 19.36
N GLY B 152 9.03 -1.52 19.41
CA GLY B 152 7.96 -1.00 20.27
C GLY B 152 7.37 0.28 19.71
N LEU B 153 7.24 0.41 18.38
CA LEU B 153 6.69 1.65 17.74
C LEU B 153 5.17 1.54 17.69
N GLN B 154 4.48 2.54 18.24
CA GLN B 154 3.01 2.53 18.41
C GLN B 154 2.38 3.67 17.61
N GLY B 155 3.19 4.41 16.85
CA GLY B 155 2.78 5.44 15.88
C GLY B 155 2.12 4.86 14.63
N PRO B 156 1.73 5.72 13.66
CA PRO B 156 1.08 5.24 12.45
C PRO B 156 1.90 4.09 11.87
N ASN B 157 1.21 2.99 11.55
N ASN B 157 1.21 3.00 11.52
CA ASN B 157 1.83 1.74 11.03
CA ASN B 157 1.83 1.74 11.03
C ASN B 157 1.09 1.35 9.75
C ASN B 157 1.10 1.32 9.75
N TYR B 158 1.73 1.54 8.60
CA TYR B 158 1.08 1.24 7.31
C TYR B 158 2.15 0.92 6.27
N ALA B 159 1.67 0.55 5.10
CA ALA B 159 2.54 0.23 3.96
C ALA B 159 1.85 0.68 2.68
N LEU B 160 2.63 1.32 1.82
CA LEU B 160 2.23 1.71 0.45
C LEU B 160 2.64 0.59 -0.51
N THR B 161 1.92 0.50 -1.62
CA THR B 161 2.33 -0.34 -2.77
C THR B 161 1.88 0.43 -4.01
N THR B 162 2.79 1.21 -4.59
CA THR B 162 2.58 1.98 -5.83
C THR B 162 3.64 1.58 -6.84
N ALA B 163 3.79 0.27 -7.01
CA ALA B 163 4.73 -0.32 -7.96
C ALA B 163 6.09 0.39 -7.88
N GLN B 164 6.61 0.87 -9.00
CA GLN B 164 7.97 1.48 -9.05
C GLN B 164 8.00 2.87 -8.37
N THR B 165 6.88 3.37 -7.84
CA THR B 165 6.82 4.69 -7.14
C THR B 165 6.81 4.49 -5.63
N THR B 166 6.75 3.25 -5.16
CA THR B 166 6.44 2.93 -3.74
C THR B 166 7.35 3.70 -2.79
N GLY B 167 8.66 3.63 -3.00
CA GLY B 167 9.64 4.22 -2.06
C GLY B 167 9.46 5.72 -1.92
N THR B 168 9.23 6.39 -3.05
CA THR B 168 9.05 7.86 -3.12
C THR B 168 7.76 8.21 -2.37
N HIS B 169 6.68 7.49 -2.64
CA HIS B 169 5.37 7.77 -1.98
C HIS B 169 5.47 7.50 -0.48
N SER B 170 6.12 6.41 -0.09
CA SER B 170 6.23 5.99 1.34
C SER B 170 6.90 7.13 2.10
N ILE B 171 7.98 7.64 1.54
CA ILE B 171 8.75 8.75 2.19
C ILE B 171 7.90 10.02 2.21
N GLY B 172 7.25 10.36 1.11
CA GLY B 172 6.48 11.61 1.05
C GLY B 172 5.34 11.62 2.04
N MET B 173 4.58 10.52 2.12
N MET B 173 4.58 10.53 2.12
CA MET B 173 3.36 10.42 2.96
CA MET B 173 3.37 10.45 2.98
C MET B 173 3.76 10.32 4.44
C MET B 173 3.79 10.36 4.45
N ALA B 174 4.91 9.70 4.74
CA ALA B 174 5.51 9.71 6.11
C ALA B 174 5.85 11.17 6.48
N ALA B 175 6.42 11.92 5.55
CA ALA B 175 6.79 13.33 5.78
C ALA B 175 5.52 14.11 6.14
N ARG B 176 4.42 13.87 5.40
CA ARG B 176 3.09 14.47 5.70
C ARG B 176 2.60 14.12 7.11
N ASN B 177 2.72 12.85 7.53
CA ASN B 177 2.33 12.43 8.90
C ASN B 177 2.99 13.36 9.93
N ILE B 178 4.28 13.68 9.75
CA ILE B 178 5.08 14.45 10.74
C ILE B 178 4.65 15.92 10.64
N ALA B 179 4.58 16.42 9.42
CA ALA B 179 4.30 17.83 9.08
C ALA B 179 2.95 18.25 9.68
N TYR B 180 1.95 17.37 9.65
CA TYR B 180 0.57 17.66 10.12
C TYR B 180 0.37 17.11 11.52
N GLY B 181 1.44 16.68 12.18
CA GLY B 181 1.40 16.47 13.64
C GLY B 181 0.84 15.11 14.05
N GLU B 182 0.72 14.15 13.11
CA GLU B 182 0.21 12.76 13.37
C GLU B 182 1.35 11.89 13.95
N ALA B 183 2.60 12.30 13.78
CA ALA B 183 3.80 11.62 14.31
C ALA B 183 4.95 12.61 14.46
N ASP B 184 5.92 12.30 15.31
CA ASP B 184 7.14 13.12 15.40
C ASP B 184 8.27 12.44 14.64
N VAL B 185 8.20 11.12 14.49
CA VAL B 185 9.25 10.32 13.78
C VAL B 185 8.57 9.26 12.94
N MET B 186 9.09 9.02 11.74
CA MET B 186 8.67 7.88 10.89
C MET B 186 9.90 7.22 10.26
N VAL B 187 9.86 5.89 10.17
CA VAL B 187 10.81 5.11 9.35
C VAL B 187 10.11 4.85 8.01
N ALA B 188 10.66 5.27 6.88
CA ALA B 188 9.95 5.22 5.60
C ALA B 188 10.89 4.81 4.46
N GLY B 189 10.32 4.17 3.46
CA GLY B 189 11.07 3.70 2.30
C GLY B 189 10.44 2.44 1.75
N GLY B 190 11.26 1.54 1.24
CA GLY B 190 10.75 0.39 0.48
C GLY B 190 11.78 -0.68 0.35
N SER B 191 11.33 -1.85 -0.06
CA SER B 191 12.18 -3.03 -0.24
C SER B 191 11.57 -3.92 -1.33
N GLU B 192 12.40 -4.71 -1.97
CA GLU B 192 12.00 -5.49 -3.13
C GLU B 192 12.99 -6.63 -3.34
N MET B 193 12.47 -7.81 -3.61
N MET B 193 12.45 -7.81 -3.65
CA MET B 193 13.24 -8.99 -4.10
CA MET B 193 13.20 -9.02 -4.06
C MET B 193 12.36 -9.71 -5.12
C MET B 193 12.38 -9.75 -5.13
N ALA B 194 12.43 -9.27 -6.38
CA ALA B 194 11.68 -9.84 -7.52
C ALA B 194 12.66 -10.35 -8.60
N ALA B 195 13.93 -10.57 -8.24
CA ALA B 195 14.92 -11.28 -9.08
C ALA B 195 14.81 -12.78 -8.90
N CYS B 196 13.58 -13.30 -8.96
CA CYS B 196 13.17 -14.71 -8.92
C CYS B 196 12.64 -15.04 -10.30
N GLY B 197 12.22 -16.29 -10.50
CA GLY B 197 11.65 -16.71 -11.79
C GLY B 197 10.48 -15.84 -12.15
N LEU B 198 9.62 -15.55 -11.16
CA LEU B 198 8.36 -14.84 -11.42
C LEU B 198 8.64 -13.40 -11.85
N GLY B 199 9.58 -12.70 -11.21
CA GLY B 199 9.91 -11.31 -11.60
C GLY B 199 10.56 -11.29 -12.98
N LEU B 200 11.61 -12.09 -13.18
CA LEU B 200 12.34 -12.14 -14.47
C LEU B 200 11.37 -12.62 -15.55
N GLY B 201 10.60 -13.69 -15.27
CA GLY B 201 9.60 -14.26 -16.18
C GLY B 201 8.48 -13.28 -16.49
N GLY B 202 7.95 -12.59 -15.47
CA GLY B 202 6.80 -11.66 -15.57
C GLY B 202 7.13 -10.43 -16.41
N PHE B 203 8.21 -9.74 -16.06
CA PHE B 203 8.67 -8.56 -16.83
C PHE B 203 9.19 -9.00 -18.21
N GLY B 204 9.87 -10.14 -18.24
CA GLY B 204 10.37 -10.78 -19.47
C GLY B 204 9.26 -11.00 -20.48
N ALA B 205 8.10 -11.51 -20.05
CA ALA B 205 6.94 -11.77 -20.95
C ALA B 205 6.35 -10.46 -21.49
N ALA B 206 6.45 -9.34 -20.75
CA ALA B 206 6.05 -7.99 -21.23
C ALA B 206 7.14 -7.40 -22.14
N ARG B 207 8.30 -8.05 -22.24
CA ARG B 207 9.49 -7.64 -23.03
C ARG B 207 9.98 -6.29 -22.53
N ALA B 208 9.92 -6.07 -21.22
CA ALA B 208 10.20 -4.77 -20.58
C ALA B 208 11.66 -4.71 -20.15
N LEU B 209 12.34 -5.88 -20.09
CA LEU B 209 13.73 -6.01 -19.60
C LEU B 209 14.74 -5.89 -20.75
N SER B 210 15.87 -5.25 -20.48
CA SER B 210 17.11 -5.45 -21.26
C SER B 210 17.40 -6.96 -21.36
N THR B 211 17.76 -7.40 -22.57
CA THR B 211 18.20 -8.78 -22.91
C THR B 211 19.69 -8.76 -23.28
N ARG B 212 20.47 -7.77 -22.85
CA ARG B 212 21.93 -7.66 -23.14
C ARG B 212 22.71 -8.62 -22.20
N ASN B 213 22.44 -9.93 -22.32
CA ASN B 213 23.00 -11.02 -21.50
C ASN B 213 24.53 -11.10 -21.63
N ASP B 214 25.09 -10.74 -22.78
CA ASP B 214 26.55 -10.82 -23.03
C ASP B 214 27.26 -9.77 -22.17
N GLU B 215 26.63 -8.64 -21.85
CA GLU B 215 27.33 -7.51 -21.15
C GLU B 215 26.41 -6.88 -20.12
N PRO B 216 26.14 -7.59 -19.01
CA PRO B 216 25.12 -7.14 -18.06
C PRO B 216 25.40 -5.76 -17.47
N THR B 217 26.67 -5.40 -17.31
CA THR B 217 27.07 -4.11 -16.67
C THR B 217 26.75 -2.94 -17.60
N ARG B 218 26.65 -3.18 -18.91
CA ARG B 218 26.30 -2.17 -19.94
C ARG B 218 24.80 -2.20 -20.24
N ALA B 219 24.02 -3.09 -19.62
CA ALA B 219 22.59 -3.25 -19.96
C ALA B 219 21.82 -1.97 -19.61
N SER B 220 22.03 -1.43 -18.41
CA SER B 220 21.26 -0.27 -17.90
C SER B 220 21.91 1.01 -18.42
N ARG B 221 21.32 1.68 -19.39
CA ARG B 221 21.99 2.80 -20.11
C ARG B 221 20.96 3.87 -20.38
N PRO B 222 20.46 4.54 -19.32
CA PRO B 222 19.41 5.55 -19.44
C PRO B 222 19.78 6.67 -20.43
N TRP B 223 18.85 6.95 -21.35
CA TRP B 223 18.95 8.01 -22.40
C TRP B 223 19.93 7.69 -23.52
N ASP B 224 20.61 6.53 -23.50
CA ASP B 224 21.54 6.08 -24.57
C ASP B 224 20.70 5.53 -25.72
N ARG B 225 21.08 5.80 -26.96
CA ARG B 225 20.28 5.39 -28.15
C ARG B 225 20.14 3.87 -28.24
N ASP B 226 20.98 3.08 -27.57
CA ASP B 226 20.99 1.59 -27.64
C ASP B 226 20.35 0.93 -26.41
N ARG B 227 19.63 1.66 -25.58
CA ARG B 227 18.92 1.04 -24.43
C ARG B 227 17.81 0.16 -25.00
N ASP B 228 17.49 -0.91 -24.27
CA ASP B 228 16.50 -1.94 -24.69
C ASP B 228 15.68 -2.43 -23.47
N GLY B 229 15.54 -1.60 -22.43
CA GLY B 229 14.66 -1.89 -21.29
C GLY B 229 15.41 -1.89 -19.97
N PHE B 230 14.68 -2.06 -18.87
CA PHE B 230 15.27 -1.86 -17.53
C PHE B 230 15.92 -3.17 -17.08
N VAL B 231 16.66 -3.04 -15.99
CA VAL B 231 17.40 -4.15 -15.34
C VAL B 231 16.75 -4.31 -13.97
N LEU B 232 16.34 -5.55 -13.67
CA LEU B 232 15.66 -5.90 -12.41
C LEU B 232 16.68 -6.04 -11.27
N SER B 233 16.41 -5.38 -10.15
CA SER B 233 17.37 -5.32 -9.03
C SER B 233 16.63 -5.45 -7.70
N ASP B 234 17.39 -5.82 -6.68
CA ASP B 234 16.87 -6.15 -5.34
C ASP B 234 17.47 -5.20 -4.32
N GLY B 235 16.79 -5.01 -3.20
CA GLY B 235 17.38 -4.30 -2.06
C GLY B 235 16.34 -3.48 -1.33
N SER B 236 16.79 -2.47 -0.59
CA SER B 236 15.90 -1.72 0.31
C SER B 236 16.53 -0.38 0.65
N GLY B 237 15.70 0.59 1.00
CA GLY B 237 16.13 1.91 1.50
C GLY B 237 15.18 2.32 2.59
N ALA B 238 15.72 2.84 3.68
CA ALA B 238 14.92 3.34 4.81
C ALA B 238 15.51 4.66 5.23
N LEU B 239 14.64 5.61 5.54
CA LEU B 239 15.05 6.90 6.13
C LEU B 239 14.35 7.06 7.45
N VAL B 240 15.07 7.66 8.39
CA VAL B 240 14.40 8.19 9.60
C VAL B 240 14.04 9.65 9.31
N LEU B 241 12.75 9.91 9.20
CA LEU B 241 12.19 11.27 9.05
C LEU B 241 11.82 11.75 10.46
N GLU B 242 12.00 13.02 10.73
CA GLU B 242 11.86 13.55 12.10
C GLU B 242 11.48 15.02 12.04
N GLU B 243 10.53 15.42 12.87
CA GLU B 243 10.16 16.84 13.07
C GLU B 243 11.43 17.58 13.51
N LEU B 244 11.61 18.78 12.98
CA LEU B 244 12.89 19.54 13.09
C LEU B 244 13.16 19.87 14.56
N GLU B 245 12.19 20.38 15.30
CA GLU B 245 12.40 20.78 16.73
C GLU B 245 12.73 19.53 17.56
N HIS B 246 12.06 18.41 17.29
CA HIS B 246 12.38 17.10 17.93
C HIS B 246 13.84 16.72 17.64
N ALA B 247 14.30 16.83 16.39
CA ALA B 247 15.68 16.50 15.98
C ALA B 247 16.67 17.39 16.72
N ARG B 248 16.37 18.68 16.81
CA ARG B 248 17.26 19.68 17.44
C ARG B 248 17.38 19.44 18.94
N ALA B 249 16.25 19.21 19.63
CA ALA B 249 16.18 19.01 21.10
C ALA B 249 17.12 17.87 21.52
N ARG B 250 17.23 16.78 20.76
CA ARG B 250 18.04 15.62 21.19
C ARG B 250 19.44 15.71 20.58
N GLY B 251 19.73 16.74 19.79
CA GLY B 251 21.05 16.96 19.14
C GLY B 251 21.31 15.98 18.02
N ALA B 252 20.29 15.61 17.26
CA ALA B 252 20.45 14.67 16.13
C ALA B 252 21.37 15.29 15.07
N ARG B 253 22.05 14.43 14.32
CA ARG B 253 22.77 14.80 13.09
C ARG B 253 21.71 14.86 12.01
N ILE B 254 21.57 16.01 11.37
CA ILE B 254 20.58 16.22 10.28
C ILE B 254 21.31 16.13 8.96
N TYR B 255 20.93 15.18 8.09
CA TYR B 255 21.51 15.08 6.74
C TYR B 255 20.99 16.22 5.85
N ALA B 256 19.68 16.47 5.85
CA ALA B 256 19.01 17.33 4.86
C ALA B 256 17.57 17.54 5.32
N GLU B 257 16.90 18.51 4.71
CA GLU B 257 15.47 18.78 5.00
C GLU B 257 14.65 18.22 3.84
N LEU B 258 13.51 17.61 4.15
CA LEU B 258 12.52 17.23 3.12
C LEU B 258 11.50 18.37 3.03
N VAL B 259 11.55 19.16 1.94
CA VAL B 259 10.80 20.43 1.83
C VAL B 259 9.57 20.27 0.92
N GLY B 260 9.57 19.27 0.03
CA GLY B 260 8.54 19.15 -1.01
C GLY B 260 8.18 17.69 -1.30
N PHE B 261 6.89 17.45 -1.49
CA PHE B 261 6.37 16.15 -1.97
C PHE B 261 5.26 16.41 -2.98
N GLY B 262 5.42 15.83 -4.16
CA GLY B 262 4.39 15.88 -5.21
C GLY B 262 3.92 14.49 -5.59
N MET B 263 2.66 14.42 -5.96
CA MET B 263 2.00 13.22 -6.50
C MET B 263 1.20 13.66 -7.74
N SER B 264 1.06 12.76 -8.69
CA SER B 264 0.08 12.96 -9.77
C SER B 264 -0.21 11.59 -10.36
N GLY B 265 -1.27 11.52 -11.16
CA GLY B 265 -1.54 10.39 -12.06
C GLY B 265 -1.50 10.86 -13.49
N ASP B 266 -0.83 10.11 -14.36
CA ASP B 266 -0.85 10.31 -15.83
C ASP B 266 -2.27 10.13 -16.37
N ALA B 267 -3.03 9.16 -15.83
CA ALA B 267 -4.31 8.71 -16.43
C ALA B 267 -4.13 8.47 -17.94
N PHE B 268 -3.07 7.77 -18.33
CA PHE B 268 -2.70 7.56 -19.75
C PHE B 268 -2.67 6.06 -20.09
N HIS B 269 -1.69 5.29 -19.60
CA HIS B 269 -1.49 3.86 -19.96
C HIS B 269 -1.04 3.08 -18.73
N MET B 270 -1.18 1.75 -18.80
CA MET B 270 -0.95 0.87 -17.63
C MET B 270 0.55 0.72 -17.36
N THR B 271 1.41 0.80 -18.38
CA THR B 271 2.88 0.57 -18.21
C THR B 271 3.74 1.67 -18.83
N ALA B 272 3.26 2.38 -19.85
CA ALA B 272 4.02 3.41 -20.61
C ALA B 272 3.57 4.79 -20.19
N PRO B 273 4.52 5.74 -20.04
CA PRO B 273 4.18 7.13 -19.80
C PRO B 273 3.74 7.80 -21.10
N PRO B 274 3.07 8.97 -21.04
CA PRO B 274 2.86 9.77 -22.25
C PRO B 274 4.21 10.29 -22.79
N GLU B 275 4.33 10.46 -24.10
CA GLU B 275 5.60 10.84 -24.78
C GLU B 275 6.16 12.15 -24.22
N ASP B 276 5.31 13.13 -23.93
CA ASP B 276 5.67 14.48 -23.41
C ASP B 276 5.78 14.48 -21.88
N GLY B 277 5.55 13.35 -21.20
CA GLY B 277 5.65 13.26 -19.72
C GLY B 277 4.84 14.32 -19.01
N ALA B 278 3.64 14.64 -19.51
CA ALA B 278 2.74 15.67 -18.92
C ALA B 278 2.52 15.36 -17.43
N GLY B 279 2.38 14.08 -17.07
CA GLY B 279 2.10 13.67 -15.67
C GLY B 279 3.28 13.93 -14.77
N ALA B 280 4.47 13.56 -15.20
CA ALA B 280 5.74 13.76 -14.47
C ALA B 280 5.97 15.27 -14.30
N ALA B 281 5.60 16.08 -15.29
CA ALA B 281 5.70 17.56 -15.22
C ALA B 281 4.75 18.09 -14.14
N ARG B 282 3.49 17.65 -14.10
CA ARG B 282 2.51 18.08 -13.08
C ARG B 282 3.04 17.73 -11.70
N CYS B 283 3.58 16.52 -11.57
CA CYS B 283 4.08 15.98 -10.30
C CYS B 283 5.26 16.83 -9.79
N MET B 284 6.25 17.09 -10.63
CA MET B 284 7.38 17.97 -10.20
C MET B 284 6.86 19.37 -9.83
N LYS B 285 5.99 19.97 -10.63
CA LYS B 285 5.41 21.32 -10.34
C LYS B 285 4.67 21.26 -9.00
N ASN B 286 3.91 20.20 -8.75
CA ASN B 286 3.22 20.02 -7.45
C ASN B 286 4.26 20.00 -6.33
N ALA B 287 5.39 19.32 -6.53
CA ALA B 287 6.39 19.17 -5.44
C ALA B 287 7.08 20.52 -5.14
N LEU B 288 7.45 21.25 -6.20
CA LEU B 288 8.07 22.58 -6.04
C LEU B 288 7.07 23.54 -5.41
N ARG B 289 5.78 23.51 -5.81
CA ARG B 289 4.76 24.36 -5.17
C ARG B 289 4.66 23.99 -3.69
N ASP B 290 4.66 22.69 -3.35
CA ASP B 290 4.62 22.22 -1.94
C ASP B 290 5.78 22.83 -1.15
N ALA B 291 6.98 22.90 -1.73
CA ALA B 291 8.22 23.40 -1.08
C ALA B 291 8.31 24.93 -1.11
N GLY B 292 7.40 25.60 -1.85
CA GLY B 292 7.42 27.05 -2.07
C GLY B 292 8.64 27.46 -2.86
N LEU B 293 9.14 26.60 -3.76
CA LEU B 293 10.36 26.88 -4.54
C LEU B 293 10.02 27.13 -6.01
N ASP B 294 10.78 28.04 -6.62
N ASP B 294 10.75 28.05 -6.63
CA ASP B 294 10.79 28.34 -8.07
CA ASP B 294 10.69 28.31 -8.09
C ASP B 294 11.59 27.23 -8.77
C ASP B 294 11.58 27.27 -8.78
N PRO B 295 11.17 26.73 -9.95
CA PRO B 295 11.98 25.74 -10.67
C PRO B 295 13.48 26.10 -10.80
N ARG B 296 13.80 27.39 -10.89
CA ARG B 296 15.21 27.89 -11.03
C ARG B 296 16.08 27.46 -9.85
N GLN B 297 15.49 27.18 -8.68
CA GLN B 297 16.26 26.84 -7.45
C GLN B 297 16.71 25.37 -7.43
N VAL B 298 16.24 24.52 -8.34
CA VAL B 298 16.66 23.09 -8.41
C VAL B 298 18.05 22.97 -9.04
N ASP B 299 18.93 22.20 -8.40
CA ASP B 299 20.33 22.03 -8.85
C ASP B 299 20.55 20.62 -9.37
N TYR B 300 19.88 19.64 -8.78
CA TYR B 300 20.19 18.21 -9.04
C TYR B 300 18.86 17.45 -9.11
N ILE B 301 18.70 16.61 -10.11
CA ILE B 301 17.53 15.70 -10.19
C ILE B 301 18.05 14.27 -10.25
N ASN B 302 17.65 13.44 -9.28
CA ASN B 302 17.82 11.98 -9.41
C ASN B 302 16.64 11.48 -10.21
N ALA B 303 16.88 11.15 -11.48
CA ALA B 303 15.83 10.78 -12.46
C ALA B 303 15.25 9.44 -12.04
N HIS B 304 14.03 9.15 -12.47
CA HIS B 304 13.55 7.76 -12.52
C HIS B 304 14.48 6.98 -13.47
N GLY B 305 14.65 7.46 -14.70
CA GLY B 305 15.73 7.00 -15.61
C GLY B 305 15.90 5.48 -15.66
N THR B 306 14.87 4.75 -16.06
CA THR B 306 14.81 3.27 -16.00
C THR B 306 15.54 2.58 -17.14
N SER B 307 15.84 3.29 -18.25
CA SER B 307 16.52 2.72 -19.45
C SER B 307 15.48 2.06 -20.36
N THR B 308 14.21 2.44 -20.24
CA THR B 308 13.14 2.12 -21.21
C THR B 308 13.12 3.23 -22.26
N PRO B 309 12.94 2.88 -23.54
CA PRO B 309 12.93 3.88 -24.62
C PRO B 309 11.99 5.05 -24.28
N ALA B 310 10.70 4.77 -24.06
CA ALA B 310 9.66 5.81 -23.90
C ALA B 310 9.77 6.51 -22.53
N GLY B 311 10.19 5.82 -21.47
CA GLY B 311 10.25 6.38 -20.10
C GLY B 311 11.30 7.48 -20.02
N ASP B 312 12.50 7.20 -20.53
CA ASP B 312 13.66 8.11 -20.48
C ASP B 312 13.33 9.39 -21.24
N ILE B 313 12.71 9.27 -22.41
CA ILE B 313 12.42 10.43 -23.29
C ILE B 313 11.30 11.27 -22.66
N ALA B 314 10.29 10.66 -22.03
CA ALA B 314 9.20 11.34 -21.32
C ALA B 314 9.77 12.25 -20.22
N GLU B 315 10.78 11.76 -19.50
N GLU B 315 10.79 11.74 -19.52
CA GLU B 315 11.42 12.51 -18.38
CA GLU B 315 11.44 12.45 -18.39
C GLU B 315 12.16 13.73 -18.92
C GLU B 315 12.18 13.70 -18.91
N ILE B 316 12.90 13.59 -20.02
CA ILE B 316 13.55 14.78 -20.68
C ILE B 316 12.45 15.81 -20.97
N ALA B 317 11.40 15.43 -21.68
CA ALA B 317 10.30 16.35 -22.05
C ALA B 317 9.75 17.01 -20.78
N ALA B 318 9.53 16.24 -19.71
CA ALA B 318 8.95 16.76 -18.45
C ALA B 318 9.89 17.80 -17.84
N VAL B 319 11.17 17.48 -17.75
CA VAL B 319 12.18 18.43 -17.18
C VAL B 319 12.27 19.70 -18.05
N LYS B 320 12.30 19.58 -19.37
CA LYS B 320 12.35 20.77 -20.27
C LYS B 320 11.11 21.61 -20.04
N SER B 321 9.94 20.97 -19.96
CA SER B 321 8.64 21.66 -19.75
C SER B 321 8.65 22.41 -18.41
N VAL B 322 9.07 21.76 -17.33
CA VAL B 322 8.98 22.37 -15.99
C VAL B 322 10.02 23.50 -15.83
N PHE B 323 11.24 23.30 -16.31
CA PHE B 323 12.42 24.10 -15.91
C PHE B 323 12.76 25.13 -16.99
N GLY B 324 12.19 25.01 -18.20
CA GLY B 324 12.38 25.96 -19.30
C GLY B 324 13.85 26.35 -19.44
N GLU B 325 14.20 27.61 -19.20
CA GLU B 325 15.57 28.13 -19.47
C GLU B 325 16.57 27.67 -18.38
N HIS B 326 16.16 26.89 -17.39
CA HIS B 326 17.05 26.36 -16.31
C HIS B 326 17.32 24.86 -16.51
N ALA B 327 16.67 24.21 -17.47
CA ALA B 327 16.69 22.75 -17.66
C ALA B 327 18.12 22.26 -17.91
N HIS B 328 18.96 23.12 -18.53
CA HIS B 328 20.36 22.80 -18.93
C HIS B 328 21.32 23.14 -17.79
N ALA B 329 20.92 23.97 -16.81
CA ALA B 329 21.79 24.45 -15.73
C ALA B 329 21.78 23.43 -14.59
N LEU B 330 20.62 22.84 -14.29
CA LEU B 330 20.56 21.70 -13.34
C LEU B 330 21.30 20.50 -13.95
N SER B 331 21.73 19.60 -13.10
CA SER B 331 22.30 18.29 -13.47
C SER B 331 21.24 17.21 -13.17
N MET B 332 21.00 16.32 -14.12
CA MET B 332 20.06 15.19 -13.89
C MET B 332 20.78 13.88 -14.21
N SER B 333 20.73 12.92 -13.31
CA SER B 333 21.37 11.59 -13.52
C SER B 333 20.45 10.46 -13.06
N SER B 334 20.62 9.34 -13.73
CA SER B 334 20.00 8.05 -13.35
C SER B 334 21.07 7.15 -12.72
N THR B 335 20.95 6.97 -11.40
CA THR B 335 21.79 5.99 -10.67
C THR B 335 21.30 4.57 -11.02
N LYS B 336 20.15 4.39 -11.67
CA LYS B 336 19.75 3.06 -12.19
C LYS B 336 20.78 2.54 -13.21
N SER B 337 21.60 3.43 -13.79
CA SER B 337 22.69 3.02 -14.72
C SER B 337 23.67 2.09 -14.00
N MET B 338 23.75 2.23 -12.67
CA MET B 338 24.65 1.41 -11.82
C MET B 338 23.85 0.36 -11.02
N THR B 339 22.72 0.74 -10.44
CA THR B 339 22.00 -0.11 -9.44
C THR B 339 21.00 -1.04 -10.13
N GLY B 340 20.61 -0.72 -11.36
CA GLY B 340 19.38 -1.25 -11.93
C GLY B 340 18.18 -0.68 -11.21
N HIS B 341 17.04 -1.26 -11.51
CA HIS B 341 15.72 -0.78 -11.07
C HIS B 341 15.27 -1.65 -9.88
N LEU B 342 15.30 -1.11 -8.66
CA LEU B 342 14.85 -1.84 -7.44
C LEU B 342 13.31 -1.75 -7.28
N LEU B 343 12.57 -1.32 -8.31
CA LEU B 343 11.09 -1.25 -8.32
C LEU B 343 10.59 -0.45 -7.09
N GLY B 344 9.90 -1.09 -6.14
CA GLY B 344 9.37 -0.38 -4.96
C GLY B 344 10.46 0.25 -4.09
N ALA B 345 11.68 -0.27 -4.12
CA ALA B 345 12.81 0.24 -3.33
C ALA B 345 13.55 1.32 -4.11
N ALA B 346 13.26 1.47 -5.42
CA ALA B 346 13.99 2.45 -6.26
C ALA B 346 13.91 3.84 -5.62
N GLY B 347 12.72 4.31 -5.28
CA GLY B 347 12.56 5.66 -4.75
C GLY B 347 13.21 5.82 -3.40
N ALA B 348 13.30 4.76 -2.61
CA ALA B 348 13.94 4.81 -1.26
C ALA B 348 15.46 4.98 -1.43
N VAL B 349 16.13 4.10 -2.18
CA VAL B 349 17.61 4.20 -2.34
C VAL B 349 17.96 5.51 -3.07
N GLU B 350 17.08 5.99 -3.97
CA GLU B 350 17.36 7.21 -4.77
C GLU B 350 17.10 8.49 -3.94
N ALA B 351 16.20 8.45 -2.95
CA ALA B 351 16.06 9.53 -1.96
C ALA B 351 17.36 9.62 -1.16
N ILE B 352 17.91 8.48 -0.74
CA ILE B 352 19.19 8.44 0.02
C ILE B 352 20.32 9.03 -0.86
N PHE B 353 20.39 8.64 -2.13
CA PHE B 353 21.44 9.14 -3.05
C PHE B 353 21.29 10.64 -3.25
N SER B 354 20.06 11.15 -3.23
CA SER B 354 19.75 12.59 -3.41
C SER B 354 20.21 13.37 -2.17
N VAL B 355 19.92 12.84 -1.00
CA VAL B 355 20.41 13.39 0.29
C VAL B 355 21.94 13.39 0.29
N LEU B 356 22.58 12.31 -0.15
CA LEU B 356 24.07 12.27 -0.12
C LEU B 356 24.66 13.21 -1.17
N ALA B 357 23.97 13.43 -2.27
CA ALA B 357 24.42 14.41 -3.30
C ALA B 357 24.48 15.77 -2.63
N LEU B 358 23.52 16.09 -1.77
CA LEU B 358 23.51 17.36 -1.01
C LEU B 358 24.67 17.38 -0.03
N ARG B 359 24.86 16.32 0.76
CA ARG B 359 25.93 16.30 1.80
C ARG B 359 27.28 16.50 1.11
N ASP B 360 27.54 15.80 0.02
CA ASP B 360 28.89 15.71 -0.61
C ASP B 360 29.04 16.68 -1.79
N GLN B 361 28.01 17.44 -2.16
CA GLN B 361 28.05 18.43 -3.27
C GLN B 361 28.60 17.75 -4.53
N VAL B 362 27.96 16.67 -4.95
CA VAL B 362 28.40 15.90 -6.13
C VAL B 362 27.16 15.27 -6.79
N ALA B 363 27.06 15.41 -8.11
CA ALA B 363 26.04 14.72 -8.92
C ALA B 363 26.59 13.36 -9.32
N PRO B 364 25.94 12.27 -8.90
CA PRO B 364 26.30 10.93 -9.35
C PRO B 364 26.19 10.81 -10.85
N PRO B 365 26.98 9.91 -11.47
CA PRO B 365 27.00 9.74 -12.91
C PRO B 365 25.77 9.00 -13.45
N THR B 366 25.46 9.21 -14.72
CA THR B 366 24.71 8.22 -15.52
C THR B 366 25.76 7.44 -16.30
N ILE B 367 26.14 6.24 -15.85
CA ILE B 367 27.13 5.43 -16.61
C ILE B 367 26.46 4.88 -17.88
N ASN B 368 27.28 4.45 -18.84
CA ASN B 368 26.86 3.78 -20.09
C ASN B 368 26.19 4.77 -21.05
N LEU B 369 26.22 6.08 -20.78
CA LEU B 369 25.57 7.10 -21.64
C LEU B 369 26.57 7.46 -22.76
N ASP B 370 26.77 6.51 -23.68
CA ASP B 370 27.82 6.55 -24.73
C ASP B 370 27.35 7.42 -25.89
N ASN B 371 26.07 7.31 -26.25
CA ASN B 371 25.45 8.06 -27.37
C ASN B 371 24.05 8.51 -26.95
N PRO B 372 23.96 9.70 -26.31
CA PRO B 372 22.67 10.27 -25.95
C PRO B 372 21.76 10.23 -27.17
N ASP B 373 20.49 9.89 -26.95
CA ASP B 373 19.45 9.77 -28.01
C ASP B 373 19.00 11.17 -28.46
N GLU B 374 18.16 11.20 -29.49
CA GLU B 374 17.48 12.43 -30.00
C GLU B 374 16.90 13.23 -28.84
N GLY B 375 17.36 14.47 -28.66
CA GLY B 375 16.76 15.42 -27.71
C GLY B 375 17.18 15.17 -26.27
N CYS B 376 18.06 14.21 -26.01
CA CYS B 376 18.61 13.93 -24.67
C CYS B 376 19.87 14.79 -24.51
N ASP B 377 19.72 16.11 -24.57
CA ASP B 377 20.86 17.08 -24.66
C ASP B 377 21.01 17.86 -23.34
N LEU B 378 20.37 17.41 -22.26
CA LEU B 378 20.53 18.03 -20.92
C LEU B 378 21.90 17.64 -20.33
N ASP B 379 22.25 18.19 -19.16
CA ASP B 379 23.44 17.72 -18.41
C ASP B 379 22.99 16.43 -17.68
N LEU B 380 23.28 15.27 -18.26
CA LEU B 380 22.86 13.94 -17.73
C LEU B 380 24.03 13.29 -16.99
N VAL B 381 25.09 14.08 -16.73
CA VAL B 381 26.27 13.65 -15.94
C VAL B 381 26.81 12.32 -16.48
N ALA B 382 27.00 12.24 -17.78
CA ALA B 382 27.48 11.02 -18.46
C ALA B 382 28.81 10.60 -17.85
N HIS B 383 28.94 9.30 -17.56
CA HIS B 383 30.19 8.55 -17.29
C HIS B 383 30.72 8.78 -15.87
N GLU B 384 30.92 10.01 -15.45
CA GLU B 384 31.71 10.31 -14.23
C GLU B 384 30.95 11.30 -13.35
N ALA B 385 31.09 11.13 -12.04
CA ALA B 385 30.50 11.99 -10.99
C ALA B 385 30.95 13.43 -11.23
N LYS B 386 30.11 14.40 -10.89
CA LYS B 386 30.41 15.83 -11.15
C LYS B 386 30.23 16.60 -9.85
N PRO B 387 31.33 17.00 -9.17
CA PRO B 387 31.23 17.95 -8.07
C PRO B 387 30.57 19.23 -8.58
N ARG B 388 29.68 19.79 -7.79
CA ARG B 388 28.97 21.04 -8.16
C ARG B 388 28.21 21.54 -6.93
N LYS B 389 27.70 22.74 -7.02
CA LYS B 389 26.81 23.33 -6.00
C LYS B 389 25.43 22.65 -6.13
N ILE B 390 24.94 22.11 -5.03
CA ILE B 390 23.56 21.50 -4.95
C ILE B 390 22.94 22.03 -3.67
N ASP B 391 22.03 22.98 -3.76
CA ASP B 391 21.25 23.42 -2.59
C ASP B 391 19.94 22.62 -2.54
N VAL B 392 19.40 22.28 -3.70
CA VAL B 392 18.06 21.61 -3.85
C VAL B 392 18.21 20.43 -4.81
N ALA B 393 17.78 19.24 -4.36
CA ALA B 393 17.79 17.99 -5.13
C ALA B 393 16.35 17.46 -5.24
N LEU B 394 15.96 17.02 -6.43
CA LEU B 394 14.66 16.33 -6.63
C LEU B 394 14.95 14.85 -6.81
N SER B 395 14.01 14.00 -6.40
CA SER B 395 14.05 12.56 -6.74
C SER B 395 12.68 12.20 -7.29
N ASN B 396 12.65 11.67 -8.51
CA ASN B 396 11.41 11.36 -9.26
C ASN B 396 11.21 9.85 -9.35
N SER B 397 9.95 9.43 -9.26
CA SER B 397 9.53 8.03 -9.49
C SER B 397 8.22 8.03 -10.29
N PHE B 398 8.20 7.31 -11.41
CA PHE B 398 7.09 7.30 -12.39
C PHE B 398 6.80 5.83 -12.71
N GLY B 399 5.73 5.23 -12.18
CA GLY B 399 5.49 3.76 -12.19
C GLY B 399 4.23 3.32 -12.93
N PHE B 400 4.06 1.99 -13.03
CA PHE B 400 2.87 1.33 -13.63
C PHE B 400 1.61 1.96 -13.07
N GLY B 401 0.57 2.07 -13.90
CA GLY B 401 -0.68 2.80 -13.57
C GLY B 401 -0.54 4.29 -13.74
N GLY B 402 0.63 4.75 -14.20
CA GLY B 402 0.91 6.17 -14.42
C GLY B 402 0.97 6.93 -13.10
N THR B 403 1.41 6.26 -12.04
CA THR B 403 1.48 6.89 -10.70
C THR B 403 2.84 7.57 -10.53
N ASN B 404 2.82 8.82 -10.12
CA ASN B 404 4.03 9.69 -10.10
C ASN B 404 4.27 10.17 -8.68
N GLY B 405 5.53 10.25 -8.30
CA GLY B 405 5.97 10.86 -7.05
C GLY B 405 7.21 11.69 -7.27
N THR B 406 7.28 12.85 -6.62
CA THR B 406 8.51 13.66 -6.56
C THR B 406 8.78 14.10 -5.12
N LEU B 407 10.02 13.93 -4.67
CA LEU B 407 10.50 14.45 -3.38
C LEU B 407 11.47 15.62 -3.65
N VAL B 408 11.38 16.68 -2.86
CA VAL B 408 12.33 17.83 -2.89
C VAL B 408 13.08 17.86 -1.56
N PHE B 409 14.39 17.75 -1.61
CA PHE B 409 15.30 17.85 -0.45
C PHE B 409 16.13 19.13 -0.61
N ARG B 410 16.49 19.73 0.50
CA ARG B 410 17.29 20.97 0.53
C ARG B 410 18.36 20.84 1.62
N ARG B 411 19.53 21.42 1.39
CA ARG B 411 20.60 21.52 2.42
C ARG B 411 20.01 22.14 3.68
N PHE B 412 20.39 21.63 4.84
CA PHE B 412 19.97 22.17 6.15
C PHE B 412 21.17 22.80 6.86
N ALA B 413 21.04 24.04 7.34
CA ALA B 413 22.06 24.74 8.17
C ALA B 413 21.34 25.63 9.20
N1 K0D C . -11.22 -0.72 -24.37
C4 K0D C . -4.81 -2.06 -22.59
C5 K0D C . -5.98 -2.03 -20.25
C6 K0D C . -8.15 -2.28 -23.00
C7 K0D C . -9.09 -1.44 -23.77
C8 K0D C . -10.55 -1.57 -23.61
N K0D C . -7.20 -1.66 -22.23
C K0D C . -7.78 0.39 -19.84
O K0D C . -5.68 -0.67 -20.13
C1 K0D C . -6.55 0.27 -20.74
C2 K0D C . -7.01 -0.20 -22.15
C3 K0D C . -6.05 -2.43 -21.73
N2 K0D C . -8.73 -0.49 -24.63
O1 K0D C . -8.25 -3.51 -23.06
S K0D C . -10.13 0.23 -25.25
S DMS D . -10.70 14.06 7.93
O DMS D . -9.21 14.14 8.05
C1 DMS D . -11.25 13.12 9.34
C2 DMS D . -11.32 15.64 8.47
S DMS E . -17.78 6.84 30.17
O DMS E . -19.30 6.70 30.16
C1 DMS E . -17.31 7.64 28.63
C2 DMS E . -17.44 8.20 31.26
S DMS F . -1.70 -18.07 -17.14
O DMS F . -0.24 -18.10 -17.54
C1 DMS F . -2.37 -19.67 -17.54
C2 DMS F . -2.54 -17.13 -18.41
S DMS G . 19.09 -5.47 14.63
O DMS G . 19.46 -4.06 15.00
C1 DMS G . 20.08 -6.52 15.68
C2 DMS G . 17.52 -5.78 15.42
S DMS H . 11.50 2.59 27.91
O DMS H . 11.00 3.96 28.36
C1 DMS H . 13.29 2.65 27.94
C2 DMS H . 11.25 1.51 29.30
S DMS I . 6.46 17.95 4.32
O DMS I . 4.95 18.03 4.28
C1 DMS I . 6.93 16.86 3.01
C2 DMS I . 7.02 19.44 3.56
S DMS J . 7.24 -18.70 5.04
O DMS J . 6.82 -19.43 3.78
C1 DMS J . 8.01 -19.94 6.07
C2 DMS J . 8.74 -17.82 4.66
S DMS K . 24.81 1.35 10.42
O DMS K . 23.54 2.16 10.54
C1 DMS K . 25.12 1.09 8.69
C2 DMS K . 24.41 -0.32 10.80
S DMS L . 12.61 -18.27 3.35
O DMS L . 11.64 -17.12 3.39
C1 DMS L . 14.23 -17.54 3.32
C2 DMS L . 12.58 -18.91 1.69
S DMS M . 16.40 2.32 20.16
O DMS M . 15.59 2.68 21.38
C1 DMS M . 16.49 0.55 20.08
C2 DMS M . 18.11 2.61 20.59
P PO4 N . 10.48 12.85 23.21
O1 PO4 N . 10.18 12.08 24.47
O2 PO4 N . 11.30 14.12 23.56
O3 PO4 N . 11.30 11.96 22.20
O4 PO4 N . 9.16 13.32 22.53
#